data_3KO7
#
_entry.id   3KO7
#
_cell.length_a   51.905
_cell.length_b   53.238
_cell.length_c   91.092
_cell.angle_alpha   74.800
_cell.angle_beta   75.450
_cell.angle_gamma   86.070
#
_symmetry.space_group_name_H-M   'P 1'
#
loop_
_entity.id
_entity.type
_entity.pdbx_description
1 polymer 'D-tyrosyl-tRNA(Tyr) deacylase'
2 non-polymer D-LYSINE
3 water water
#
_entity_poly.entity_id   1
_entity_poly.type   'polypeptide(L)'
_entity_poly.pdbx_seq_one_letter_code
;MRVVIQRVKGAILSVRKENIGENEKELEIISEIKNGLICFLGIHKNDTWEDALYIIRKCLNLRLWNNDNKTWDKNVKDLN
YELLIVSQFTLFGNTKKGNKPDFHLAKEPNEALIFYNKIIDEFKKQYNDDKIKIGKFGNYMNIDVTNDGPVTIYIDTHDI
NLNK
;
_entity_poly.pdbx_strand_id   A,B,C,D,E,F
#
# COMPACT_ATOMS: atom_id res chain seq x y z
N MET A 1 -10.34 -4.17 52.00
CA MET A 1 -10.38 -5.49 51.35
C MET A 1 -11.42 -5.44 50.28
N ARG A 2 -11.26 -6.32 49.28
CA ARG A 2 -12.25 -6.49 48.24
C ARG A 2 -12.54 -7.98 48.20
N VAL A 3 -13.79 -8.33 47.96
CA VAL A 3 -14.15 -9.73 47.81
C VAL A 3 -15.15 -9.89 46.68
N VAL A 4 -15.05 -11.04 46.01
CA VAL A 4 -15.97 -11.48 44.98
C VAL A 4 -16.52 -12.78 45.54
N ILE A 5 -17.80 -12.78 45.89
CA ILE A 5 -18.43 -13.97 46.46
C ILE A 5 -19.20 -14.59 45.31
N GLN A 6 -19.08 -15.90 45.13
CA GLN A 6 -19.89 -16.57 44.11
C GLN A 6 -20.58 -17.76 44.74
N ARG A 7 -21.88 -17.87 44.48
CA ARG A 7 -22.69 -18.99 44.98
C ARG A 7 -22.44 -20.20 44.12
N VAL A 8 -22.15 -21.33 44.77
CA VAL A 8 -21.76 -22.56 44.07
C VAL A 8 -22.53 -23.80 44.52
N LYS A 9 -22.68 -24.75 43.60
CA LYS A 9 -23.13 -26.11 43.91
C LYS A 9 -21.96 -26.92 44.41
N GLY A 10 -20.77 -26.59 43.88
CA GLY A 10 -19.51 -27.21 44.26
C GLY A 10 -18.28 -26.51 43.69
N ALA A 11 -17.12 -26.71 44.32
CA ALA A 11 -15.84 -26.17 43.85
C ALA A 11 -14.72 -27.14 44.21
N ILE A 12 -13.77 -27.30 43.29
CA ILE A 12 -12.71 -28.29 43.40
C ILE A 12 -11.38 -27.65 43.02
N LEU A 13 -10.47 -27.56 43.99
CA LEU A 13 -9.24 -26.79 43.86
C LEU A 13 -8.04 -27.73 43.77
N SER A 14 -7.23 -27.56 42.73
CA SER A 14 -6.04 -28.38 42.47
C SER A 14 -4.83 -27.47 42.42
N VAL A 15 -3.65 -28.06 42.57
CA VAL A 15 -2.36 -27.37 42.31
C VAL A 15 -1.55 -28.25 41.37
N ARG A 16 -0.54 -27.67 40.71
CA ARG A 16 0.35 -28.48 39.86
C ARG A 16 1.24 -29.34 40.74
N LYS A 17 1.14 -30.66 40.63
CA LYS A 17 2.16 -31.51 41.27
C LYS A 17 3.43 -31.53 40.43
N GLU A 18 4.57 -31.72 41.11
CA GLU A 18 5.85 -31.41 40.50
C GLU A 18 6.43 -32.47 39.55
N ASN A 19 6.84 -33.61 40.10
CA ASN A 19 7.50 -34.62 39.28
C ASN A 19 6.48 -35.64 38.76
N ILE A 20 6.36 -35.69 37.43
CA ILE A 20 5.18 -36.28 36.80
C ILE A 20 5.48 -37.40 35.79
N GLY A 21 4.42 -38.15 35.43
CA GLY A 21 4.53 -39.26 34.49
C GLY A 21 4.16 -38.94 33.05
N GLU A 22 3.87 -40.00 32.29
CA GLU A 22 3.83 -39.94 30.83
C GLU A 22 2.86 -38.94 30.16
N ASN A 23 1.52 -39.00 30.32
CA ASN A 23 0.66 -40.00 31.01
C ASN A 23 0.65 -40.08 32.56
N GLU A 24 0.04 -39.04 33.15
CA GLU A 24 -0.18 -38.90 34.60
C GLU A 24 -0.59 -37.44 34.81
N LYS A 25 -1.61 -37.20 35.64
CA LYS A 25 -2.16 -35.86 35.78
C LYS A 25 -1.13 -34.86 36.35
N GLU A 26 -1.03 -33.70 35.72
CA GLU A 26 -0.22 -32.59 36.24
C GLU A 26 -0.81 -32.04 37.51
N LEU A 27 -2.13 -32.13 37.62
CA LEU A 27 -2.85 -31.49 38.68
C LEU A 27 -3.28 -32.47 39.76
N GLU A 28 -3.23 -32.02 41.02
CA GLU A 28 -3.64 -32.83 42.15
C GLU A 28 -4.61 -32.05 43.04
N ILE A 29 -5.70 -32.70 43.42
CA ILE A 29 -6.76 -32.04 44.16
C ILE A 29 -6.35 -32.01 45.62
N ILE A 30 -6.40 -30.81 46.20
CA ILE A 30 -5.99 -30.61 47.57
C ILE A 30 -7.17 -30.10 48.42
N SER A 31 -8.23 -29.65 47.77
CA SER A 31 -9.29 -28.94 48.48
C SER A 31 -10.62 -29.05 47.75
N GLU A 32 -11.70 -29.17 48.50
CA GLU A 32 -12.98 -29.38 47.86
C GLU A 32 -14.18 -28.94 48.70
N ILE A 33 -15.15 -28.27 48.07
CA ILE A 33 -16.46 -28.05 48.70
C ILE A 33 -17.59 -28.54 47.81
N LYS A 34 -18.76 -28.69 48.44
CA LYS A 34 -20.02 -28.89 47.74
C LYS A 34 -20.74 -27.54 47.77
N ASN A 35 -22.03 -27.54 48.11
CA ASN A 35 -22.81 -26.29 48.11
C ASN A 35 -22.21 -25.28 49.06
N GLY A 36 -22.40 -24.00 48.76
CA GLY A 36 -21.77 -22.95 49.55
C GLY A 36 -21.30 -21.77 48.73
N LEU A 37 -20.18 -21.16 49.15
CA LEU A 37 -19.58 -20.00 48.47
C LEU A 37 -18.10 -20.15 48.17
N ILE A 38 -17.68 -19.67 47.01
CA ILE A 38 -16.29 -19.39 46.78
C ILE A 38 -16.16 -17.88 46.98
N CYS A 39 -15.17 -17.53 47.80
CA CYS A 39 -14.85 -16.16 48.14
C CYS A 39 -13.41 -15.85 47.71
N PHE A 40 -13.28 -15.09 46.62
CA PHE A 40 -11.98 -14.60 46.13
C PHE A 40 -11.60 -13.29 46.86
N LEU A 41 -10.61 -13.38 47.75
CA LEU A 41 -10.40 -12.29 48.71
C LEU A 41 -9.14 -11.49 48.40
N GLY A 42 -9.34 -10.18 48.25
CA GLY A 42 -8.26 -9.25 47.97
C GLY A 42 -7.91 -8.43 49.19
N ILE A 43 -6.64 -8.50 49.58
CA ILE A 43 -6.11 -7.78 50.74
C ILE A 43 -5.26 -6.58 50.32
N HIS A 44 -5.77 -5.39 50.67
CA HIS A 44 -5.18 -4.10 50.37
C HIS A 44 -4.04 -3.83 51.31
N LYS A 45 -3.06 -3.03 50.87
CA LYS A 45 -1.88 -2.71 51.69
C LYS A 45 -2.23 -2.02 53.02
N ASN A 46 -3.26 -1.20 53.01
CA ASN A 46 -3.70 -0.46 54.20
C ASN A 46 -4.88 -1.10 54.94
N ASP A 47 -5.07 -2.40 54.76
CA ASP A 47 -6.20 -3.08 55.37
C ASP A 47 -6.00 -3.30 56.86
N THR A 48 -7.09 -3.12 57.62
CA THR A 48 -7.09 -3.39 59.06
C THR A 48 -7.88 -4.66 59.37
N TRP A 49 -7.83 -5.08 60.63
CA TRP A 49 -8.57 -6.23 61.10
C TRP A 49 -10.07 -5.92 61.07
N GLU A 50 -10.40 -4.64 61.04
CA GLU A 50 -11.80 -4.21 60.86
C GLU A 50 -12.29 -4.52 59.44
N ASP A 51 -11.46 -4.23 58.43
CA ASP A 51 -11.74 -4.64 57.05
C ASP A 51 -12.00 -6.13 56.95
N ALA A 52 -11.12 -6.93 57.54
CA ALA A 52 -11.24 -8.39 57.56
C ALA A 52 -12.51 -8.91 58.23
N LEU A 53 -12.85 -8.34 59.38
CA LEU A 53 -14.06 -8.72 60.12
C LEU A 53 -15.33 -8.48 59.30
N TYR A 54 -15.41 -7.33 58.65
CA TYR A 54 -16.54 -7.03 57.78
C TYR A 54 -16.73 -8.14 56.74
N ILE A 55 -15.73 -8.32 55.86
CA ILE A 55 -15.68 -9.43 54.91
C ILE A 55 -16.18 -10.78 55.50
N ILE A 56 -15.63 -11.19 56.65
CA ILE A 56 -16.00 -12.47 57.25
C ILE A 56 -17.48 -12.47 57.61
N ARG A 57 -17.93 -11.40 58.24
CA ARG A 57 -19.33 -11.27 58.69
C ARG A 57 -20.28 -11.39 57.51
N LYS A 58 -19.97 -10.68 56.43
CA LYS A 58 -20.77 -10.70 55.21
C LYS A 58 -20.75 -12.08 54.56
N CYS A 59 -19.58 -12.64 54.33
CA CYS A 59 -19.52 -13.96 53.70
C CYS A 59 -20.45 -14.93 54.42
N LEU A 60 -20.40 -14.92 55.75
CA LEU A 60 -21.14 -15.87 56.56
C LEU A 60 -22.60 -15.51 56.77
N ASN A 61 -22.92 -14.23 56.74
CA ASN A 61 -24.27 -13.79 57.08
C ASN A 61 -25.15 -13.32 55.91
N LEU A 62 -24.54 -13.07 54.74
CA LEU A 62 -25.29 -12.72 53.54
C LEU A 62 -26.28 -13.80 53.15
N ARG A 63 -27.52 -13.39 52.89
CA ARG A 63 -28.61 -14.32 52.63
C ARG A 63 -28.82 -14.48 51.13
N LEU A 64 -28.15 -15.48 50.58
CA LEU A 64 -27.97 -15.63 49.15
C LEU A 64 -28.69 -16.85 48.58
N TRP A 65 -29.50 -17.49 49.43
CA TRP A 65 -30.29 -18.64 49.02
C TRP A 65 -31.76 -18.40 49.28
N ASN A 66 -32.59 -19.08 48.48
CA ASN A 66 -34.03 -19.09 48.65
C ASN A 66 -34.44 -20.21 49.58
N ASN A 67 -35.14 -19.85 50.65
CA ASN A 67 -35.85 -20.84 51.45
C ASN A 67 -37.25 -20.87 50.89
N ASP A 68 -37.59 -22.00 50.25
CA ASP A 68 -38.82 -22.16 49.47
C ASP A 68 -39.97 -21.31 49.98
N ASN A 69 -40.41 -20.36 49.15
CA ASN A 69 -41.45 -19.36 49.48
C ASN A 69 -40.87 -17.97 49.83
N LYS A 70 -39.55 -17.86 49.88
CA LYS A 70 -38.88 -16.56 50.13
C LYS A 70 -37.52 -16.49 49.44
N THR A 71 -37.32 -15.43 48.65
CA THR A 71 -36.03 -15.20 48.01
C THR A 71 -35.05 -14.56 48.98
N TRP A 72 -33.76 -14.65 48.67
CA TRP A 72 -32.67 -14.08 49.47
C TRP A 72 -32.93 -14.25 50.97
N ASP A 73 -32.99 -15.52 51.40
CA ASP A 73 -33.48 -15.86 52.72
C ASP A 73 -32.41 -16.39 53.67
N LYS A 74 -31.58 -17.32 53.18
CA LYS A 74 -30.66 -18.07 54.04
C LYS A 74 -29.17 -17.92 53.70
N ASN A 75 -28.32 -17.98 54.73
CA ASN A 75 -26.86 -17.94 54.56
C ASN A 75 -26.20 -19.31 54.61
N VAL A 76 -24.88 -19.35 54.41
CA VAL A 76 -24.12 -20.61 54.39
C VAL A 76 -24.27 -21.40 55.68
N LYS A 77 -24.26 -20.69 56.81
CA LYS A 77 -24.35 -21.29 58.14
C LYS A 77 -25.71 -21.95 58.37
N ASP A 78 -26.77 -21.21 58.00
CA ASP A 78 -28.16 -21.70 58.09
C ASP A 78 -28.27 -23.02 57.38
N LEU A 79 -27.70 -23.10 56.17
CA LEU A 79 -27.86 -24.28 55.33
C LEU A 79 -26.79 -25.33 55.59
N ASN A 80 -25.94 -25.05 56.58
CA ASN A 80 -24.81 -25.91 56.91
C ASN A 80 -23.91 -26.16 55.69
N TYR A 81 -23.77 -25.11 54.86
CA TYR A 81 -22.94 -25.17 53.64
C TYR A 81 -21.48 -24.72 53.88
N GLU A 82 -20.65 -24.77 52.82
CA GLU A 82 -19.20 -24.55 52.95
C GLU A 82 -18.68 -23.30 52.22
N LEU A 83 -17.59 -22.74 52.74
CA LEU A 83 -16.87 -21.64 52.10
C LEU A 83 -15.47 -22.11 51.70
N LEU A 84 -15.09 -21.78 50.48
CA LEU A 84 -13.73 -21.96 49.94
C LEU A 84 -13.11 -20.57 49.76
N ILE A 85 -12.11 -20.27 50.59
CA ILE A 85 -11.48 -18.95 50.60
C ILE A 85 -10.12 -19.01 49.85
N VAL A 86 -9.95 -18.13 48.87
CA VAL A 86 -8.76 -18.12 47.98
C VAL A 86 -8.28 -16.68 47.89
N SER A 87 -7.05 -16.41 48.31
CA SER A 87 -6.46 -15.07 48.16
C SER A 87 -6.34 -14.68 46.69
N GLN A 88 -6.75 -13.46 46.37
CA GLN A 88 -6.79 -12.94 45.00
C GLN A 88 -6.28 -11.51 44.91
N PHE A 89 -4.96 -11.33 44.87
CA PHE A 89 -4.38 -10.00 44.72
C PHE A 89 -4.80 -9.28 43.43
N THR A 90 -5.20 -10.05 42.42
CA THR A 90 -5.56 -9.49 41.12
C THR A 90 -6.79 -8.58 41.23
N LEU A 91 -7.55 -8.73 42.32
CA LEU A 91 -8.67 -7.83 42.60
C LEU A 91 -8.27 -6.34 42.75
N PHE A 92 -6.98 -6.09 43.02
CA PHE A 92 -6.39 -4.74 43.02
C PHE A 92 -5.56 -4.49 41.76
N GLY A 93 -5.81 -5.27 40.71
CA GLY A 93 -5.34 -4.97 39.37
C GLY A 93 -5.89 -3.63 38.90
N ASN A 94 -5.03 -2.64 38.83
CA ASN A 94 -5.38 -1.38 38.22
C ASN A 94 -5.29 -1.48 36.71
N THR A 95 -6.37 -1.11 36.02
CA THR A 95 -6.50 -1.33 34.58
C THR A 95 -6.70 -0.06 33.75
N LYS A 96 -6.67 1.09 34.40
CA LYS A 96 -6.77 2.38 33.70
C LYS A 96 -5.47 2.73 32.97
N LYS A 97 -4.37 2.18 33.47
CA LYS A 97 -3.00 2.53 33.06
C LYS A 97 -2.85 2.26 31.57
N GLY A 98 -2.85 0.98 31.22
CA GLY A 98 -2.92 0.53 29.83
C GLY A 98 -3.65 -0.80 29.85
N ASN A 99 -3.23 -1.71 28.98
CA ASN A 99 -3.77 -3.06 28.93
C ASN A 99 -2.96 -4.02 29.80
N LYS A 100 -1.88 -3.52 30.37
CA LYS A 100 -1.11 -4.22 31.37
C LYS A 100 -1.59 -3.79 32.78
N PRO A 101 -2.28 -4.70 33.50
CA PRO A 101 -2.73 -4.35 34.87
C PRO A 101 -1.56 -4.30 35.87
N ASP A 102 -1.63 -3.36 36.82
CA ASP A 102 -0.71 -3.39 37.97
C ASP A 102 -1.42 -3.41 39.32
N PHE A 103 -0.72 -3.94 40.30
CA PHE A 103 -1.34 -4.38 41.54
C PHE A 103 -0.62 -3.78 42.76
N HIS A 104 -0.16 -2.54 42.64
CA HIS A 104 0.62 -1.91 43.71
CA HIS A 104 0.63 -1.90 43.71
C HIS A 104 -0.19 -1.62 44.99
N LEU A 105 -1.52 -1.63 44.86
CA LEU A 105 -2.43 -1.43 46.00
C LEU A 105 -2.63 -2.68 46.88
N ALA A 106 -2.21 -3.83 46.36
CA ALA A 106 -2.33 -5.09 47.09
C ALA A 106 -1.20 -5.23 48.10
N LYS A 107 -1.55 -5.73 49.29
CA LYS A 107 -0.58 -6.01 50.34
C LYS A 107 0.51 -6.95 49.84
N GLU A 108 1.75 -6.67 50.25
CA GLU A 108 2.89 -7.50 49.88
C GLU A 108 2.67 -8.97 50.31
N PRO A 109 3.13 -9.94 49.50
CA PRO A 109 2.91 -11.38 49.72
C PRO A 109 3.13 -11.96 51.13
N ASN A 110 4.14 -11.49 51.85
CA ASN A 110 4.51 -12.15 53.12
C ASN A 110 3.62 -11.70 54.27
N GLU A 111 3.20 -10.45 54.19
CA GLU A 111 2.30 -9.87 55.16
C GLU A 111 0.84 -10.11 54.78
N ALA A 112 0.60 -10.33 53.50
CA ALA A 112 -0.72 -10.73 53.04
C ALA A 112 -1.04 -12.13 53.57
N LEU A 113 -0.03 -13.01 53.56
CA LEU A 113 -0.20 -14.40 54.01
C LEU A 113 -0.59 -14.48 55.48
N ILE A 114 0.10 -13.68 56.30
CA ILE A 114 -0.16 -13.57 57.73
C ILE A 114 -1.61 -13.13 57.97
N PHE A 115 -2.04 -12.12 57.23
CA PHE A 115 -3.39 -11.56 57.30
C PHE A 115 -4.45 -12.58 56.85
N TYR A 116 -4.19 -13.22 55.71
CA TYR A 116 -5.04 -14.26 55.16
C TYR A 116 -5.26 -15.37 56.17
N ASN A 117 -4.17 -15.84 56.77
CA ASN A 117 -4.20 -16.91 57.76
C ASN A 117 -4.98 -16.57 59.03
N LYS A 118 -4.91 -15.31 59.45
CA LYS A 118 -5.71 -14.87 60.57
C LYS A 118 -7.19 -14.92 60.20
N ILE A 119 -7.50 -14.53 58.96
CA ILE A 119 -8.86 -14.54 58.44
C ILE A 119 -9.41 -15.95 58.39
N ILE A 120 -8.61 -16.89 57.89
CA ILE A 120 -9.03 -18.30 57.83
C ILE A 120 -9.33 -18.82 59.24
N ASP A 121 -8.53 -18.37 60.21
CA ASP A 121 -8.72 -18.73 61.61
C ASP A 121 -9.98 -18.12 62.20
N GLU A 122 -10.22 -16.84 61.87
CA GLU A 122 -11.44 -16.16 62.30
C GLU A 122 -12.73 -16.71 61.63
N PHE A 123 -12.60 -17.18 60.39
CA PHE A 123 -13.70 -17.87 59.69
C PHE A 123 -14.11 -19.12 60.44
N LYS A 124 -13.12 -19.88 60.83
CA LYS A 124 -13.29 -21.13 61.52
C LYS A 124 -13.82 -20.89 62.93
N LYS A 125 -13.49 -19.72 63.49
CA LYS A 125 -13.92 -19.33 64.83
C LYS A 125 -15.39 -18.94 64.81
N GLN A 126 -15.76 -18.11 63.85
CA GLN A 126 -17.10 -17.56 63.75
C GLN A 126 -18.13 -18.56 63.23
N TYR A 127 -17.65 -19.65 62.65
CA TYR A 127 -18.53 -20.66 62.10
C TYR A 127 -18.04 -22.00 62.61
N ASN A 128 -17.60 -22.85 61.70
CA ASN A 128 -17.16 -24.18 62.00
C ASN A 128 -15.86 -24.36 61.24
N ASP A 129 -14.89 -25.07 61.81
CA ASP A 129 -13.64 -25.25 61.09
C ASP A 129 -13.70 -26.38 60.05
N ASP A 130 -14.80 -27.12 60.07
CA ASP A 130 -15.07 -28.20 59.12
C ASP A 130 -15.59 -27.64 57.79
N LYS A 131 -16.05 -26.39 57.85
CA LYS A 131 -16.77 -25.76 56.73
C LYS A 131 -15.92 -24.76 55.96
N ILE A 132 -14.71 -24.49 56.49
CA ILE A 132 -13.84 -23.53 55.88
C ILE A 132 -12.73 -24.29 55.16
N LYS A 133 -12.74 -24.19 53.84
CA LYS A 133 -11.68 -24.79 53.03
C LYS A 133 -10.89 -23.68 52.40
N ILE A 134 -9.64 -23.98 52.03
CA ILE A 134 -8.72 -23.00 51.49
C ILE A 134 -7.90 -23.58 50.32
N GLY A 135 -7.15 -22.72 49.64
CA GLY A 135 -6.25 -23.15 48.58
C GLY A 135 -4.80 -23.18 49.04
N LYS A 136 -3.89 -22.78 48.16
CA LYS A 136 -2.48 -22.75 48.49
C LYS A 136 -1.93 -21.36 48.14
N PHE A 137 -1.90 -20.50 49.17
CA PHE A 137 -1.70 -19.05 49.07
C PHE A 137 -0.88 -18.43 47.93
N GLY A 138 0.35 -18.86 47.74
CA GLY A 138 1.16 -18.15 46.73
C GLY A 138 1.29 -18.97 45.48
N ASN A 139 0.38 -19.93 45.33
CA ASN A 139 0.54 -20.96 44.33
C ASN A 139 -0.50 -20.85 43.26
N TYR A 140 -0.09 -21.21 42.05
CA TYR A 140 -0.98 -21.44 40.93
C TYR A 140 -2.06 -22.47 41.26
N MET A 141 -3.26 -22.25 40.77
CA MET A 141 -4.36 -23.15 41.06
C MET A 141 -5.35 -23.25 39.93
N ASN A 142 -5.80 -24.48 39.74
CA ASN A 142 -6.94 -24.79 38.91
C ASN A 142 -8.15 -24.91 39.86
N ILE A 143 -9.21 -24.13 39.65
CA ILE A 143 -10.45 -24.32 40.44
C ILE A 143 -11.68 -24.47 39.55
N ASP A 144 -12.16 -25.71 39.45
CA ASP A 144 -13.42 -26.05 38.80
C ASP A 144 -14.57 -25.65 39.70
N VAL A 145 -15.31 -24.61 39.31
CA VAL A 145 -16.45 -24.10 40.06
C VAL A 145 -17.74 -24.38 39.33
N THR A 146 -18.75 -24.89 40.05
CA THR A 146 -20.11 -24.95 39.53
C THR A 146 -20.89 -23.77 40.08
N ASN A 147 -20.98 -22.71 39.27
CA ASN A 147 -21.72 -21.49 39.59
C ASN A 147 -23.24 -21.77 39.60
N ASP A 148 -23.92 -21.27 40.64
CA ASP A 148 -25.33 -21.59 40.90
C ASP A 148 -26.13 -20.29 40.84
N GLY A 149 -26.77 -20.04 39.70
CA GLY A 149 -27.45 -18.76 39.45
C GLY A 149 -27.17 -18.21 38.06
N PRO A 150 -25.94 -17.67 37.82
CA PRO A 150 -24.92 -17.50 38.86
C PRO A 150 -25.28 -16.37 39.81
N VAL A 151 -24.70 -16.37 40.99
CA VAL A 151 -24.79 -15.21 41.84
C VAL A 151 -23.37 -14.78 42.24
N THR A 152 -23.09 -13.50 42.01
CA THR A 152 -21.78 -12.91 42.20
C THR A 152 -21.88 -11.58 42.92
N ILE A 153 -21.56 -11.63 44.21
CA ILE A 153 -21.61 -10.44 45.03
C ILE A 153 -20.22 -9.81 45.11
N TYR A 154 -20.18 -8.48 45.02
CA TYR A 154 -18.93 -7.73 45.17
C TYR A 154 -18.97 -6.73 46.31
N ILE A 155 -17.97 -6.76 47.18
CA ILE A 155 -17.85 -5.82 48.28
C ILE A 155 -16.43 -5.28 48.34
N ASP A 156 -16.31 -3.97 48.52
CA ASP A 156 -15.04 -3.36 48.86
C ASP A 156 -15.19 -2.64 50.18
N THR A 157 -14.55 -3.15 51.24
CA THR A 157 -14.72 -2.57 52.59
C THR A 157 -14.26 -1.12 52.70
N HIS A 158 -13.50 -0.64 51.72
CA HIS A 158 -13.12 0.76 51.70
C HIS A 158 -14.24 1.64 51.12
N ASP A 159 -15.41 1.04 50.93
CA ASP A 159 -16.62 1.77 50.55
C ASP A 159 -17.52 2.01 51.76
N ILE A 160 -17.53 1.06 52.68
CA ILE A 160 -18.40 1.12 53.86
C ILE A 160 -17.76 1.90 55.01
N ASN A 161 -18.56 2.16 56.05
CA ASN A 161 -18.18 2.93 57.25
C ASN A 161 -16.70 3.29 57.41
N MET B 1 -21.07 0.86 34.75
CA MET B 1 -21.25 -0.61 34.57
C MET B 1 -20.27 -1.33 35.47
N ARG B 2 -20.50 -2.62 35.70
CA ARG B 2 -19.58 -3.43 36.49
C ARG B 2 -19.36 -4.76 35.80
N VAL B 3 -18.14 -5.28 35.89
CA VAL B 3 -17.84 -6.62 35.40
C VAL B 3 -16.75 -7.30 36.26
N VAL B 4 -16.94 -8.61 36.50
CA VAL B 4 -15.94 -9.49 37.05
C VAL B 4 -15.44 -10.37 35.91
N ILE B 5 -14.18 -10.22 35.53
CA ILE B 5 -13.58 -11.04 34.48
C ILE B 5 -12.80 -12.20 35.11
N GLN B 6 -13.06 -13.44 34.72
CA GLN B 6 -12.24 -14.52 35.25
C GLN B 6 -11.54 -15.28 34.12
N ARG B 7 -10.29 -15.65 34.35
CA ARG B 7 -9.49 -16.35 33.31
C ARG B 7 -9.72 -17.84 33.45
N VAL B 8 -10.24 -18.44 32.39
CA VAL B 8 -10.61 -19.85 32.38
C VAL B 8 -9.82 -20.69 31.37
N LYS B 9 -9.75 -22.00 31.62
CA LYS B 9 -9.47 -23.02 30.61
C LYS B 9 -10.75 -23.56 29.98
N GLY B 10 -11.89 -23.36 30.65
CA GLY B 10 -13.17 -23.77 30.12
C GLY B 10 -14.30 -23.25 30.97
N ALA B 11 -15.46 -23.14 30.34
CA ALA B 11 -16.72 -22.82 31.01
C ALA B 11 -17.77 -23.51 30.17
N ILE B 12 -18.76 -24.10 30.84
CA ILE B 12 -19.92 -24.74 30.21
C ILE B 12 -21.20 -24.23 30.87
N LEU B 13 -22.01 -23.50 30.09
CA LEU B 13 -23.22 -22.88 30.59
C LEU B 13 -24.44 -23.77 30.31
N SER B 14 -25.33 -23.87 31.29
CA SER B 14 -26.54 -24.72 31.22
C SER B 14 -27.74 -23.96 31.72
N VAL B 15 -28.91 -24.25 31.15
CA VAL B 15 -30.16 -23.74 31.73
C VAL B 15 -31.08 -24.92 32.10
N ARG B 16 -32.09 -24.66 32.91
CA ARG B 16 -33.06 -25.71 33.26
C ARG B 16 -33.79 -26.17 31.99
N LYS B 17 -34.06 -27.48 31.91
CA LYS B 17 -34.85 -28.01 30.80
C LYS B 17 -36.27 -27.47 30.84
N GLU B 18 -36.82 -27.18 29.66
CA GLU B 18 -38.19 -26.69 29.51
C GLU B 18 -39.20 -27.78 29.88
N ASN B 19 -40.41 -27.36 30.28
CA ASN B 19 -41.49 -28.25 30.78
C ASN B 19 -41.28 -28.69 32.23
N ILE B 20 -40.16 -29.39 32.48
CA ILE B 20 -39.77 -29.88 33.80
C ILE B 20 -39.75 -28.81 34.89
N GLY B 21 -39.83 -29.27 36.14
CA GLY B 21 -39.84 -28.38 37.27
C GLY B 21 -41.25 -28.13 37.71
N GLU B 22 -41.43 -27.17 38.62
CA GLU B 22 -40.31 -26.36 39.13
C GLU B 22 -39.67 -26.95 40.40
N ASN B 23 -40.25 -28.05 40.88
CA ASN B 23 -39.53 -29.05 41.65
C ASN B 23 -39.02 -30.05 40.61
N GLU B 24 -37.71 -30.26 40.57
CA GLU B 24 -37.04 -31.02 39.51
C GLU B 24 -35.78 -30.29 39.09
N LYS B 25 -34.68 -31.02 39.06
CA LYS B 25 -33.39 -30.47 38.66
C LYS B 25 -32.88 -31.24 37.46
N GLU B 26 -32.83 -30.57 36.31
CA GLU B 26 -32.33 -31.18 35.08
C GLU B 26 -32.02 -30.07 34.07
N LEU B 27 -30.82 -30.14 33.49
CA LEU B 27 -30.25 -29.01 32.78
C LEU B 27 -29.87 -29.31 31.34
N GLU B 28 -29.90 -28.27 30.52
CA GLU B 28 -29.50 -28.36 29.14
C GLU B 28 -28.30 -27.44 28.91
N ILE B 29 -27.21 -28.03 28.40
CA ILE B 29 -26.04 -27.25 27.97
C ILE B 29 -26.46 -26.41 26.77
N ILE B 30 -26.18 -25.11 26.84
CA ILE B 30 -26.52 -24.19 25.76
C ILE B 30 -25.34 -23.34 25.28
N SER B 31 -24.24 -23.33 26.04
CA SER B 31 -23.02 -22.55 25.73
C SER B 31 -21.75 -23.22 26.26
N GLU B 32 -20.66 -23.03 25.54
CA GLU B 32 -19.40 -23.68 25.85
C GLU B 32 -18.21 -22.92 25.31
N ILE B 33 -17.28 -22.54 26.18
CA ILE B 33 -15.99 -22.04 25.74
C ILE B 33 -14.89 -22.94 26.26
N LYS B 34 -13.79 -22.94 25.52
CA LYS B 34 -12.50 -23.44 26.00
C LYS B 34 -11.74 -22.31 26.72
N ASN B 35 -10.45 -22.14 26.43
CA ASN B 35 -9.62 -21.09 27.06
C ASN B 35 -10.17 -19.73 26.69
N GLY B 36 -9.99 -18.77 27.57
CA GLY B 36 -10.62 -17.49 27.30
C GLY B 36 -11.01 -16.84 28.59
N LEU B 37 -12.11 -16.07 28.57
CA LEU B 37 -12.58 -15.30 29.75
C LEU B 37 -14.07 -15.52 29.93
N ILE B 38 -14.52 -15.51 31.20
CA ILE B 38 -15.95 -15.41 31.50
C ILE B 38 -16.19 -14.04 32.17
N CYS B 39 -17.08 -13.25 31.59
CA CYS B 39 -17.21 -11.89 31.99
C CYS B 39 -18.60 -11.73 32.62
N PHE B 40 -18.63 -11.54 33.92
CA PHE B 40 -19.93 -11.31 34.59
C PHE B 40 -20.27 -9.82 34.54
N LEU B 41 -21.32 -9.48 33.80
CA LEU B 41 -21.63 -8.10 33.42
C LEU B 41 -22.87 -7.54 34.11
N GLY B 42 -22.68 -6.51 34.92
CA GLY B 42 -23.78 -5.86 35.59
C GLY B 42 -24.01 -4.51 34.93
N ILE B 43 -25.24 -4.29 34.47
CA ILE B 43 -25.58 -3.02 33.82
C ILE B 43 -26.33 -2.12 34.81
N HIS B 44 -25.79 -0.94 35.00
CA HIS B 44 -26.31 0.08 35.92
C HIS B 44 -27.35 0.95 35.22
N LYS B 45 -28.32 1.37 36.02
CA LYS B 45 -29.44 2.20 35.58
C LYS B 45 -29.08 3.40 34.68
N ASN B 46 -27.96 4.06 34.98
CA ASN B 46 -27.49 5.23 34.22
C ASN B 46 -26.35 4.91 33.26
N ASP B 47 -26.17 3.64 32.92
CA ASP B 47 -25.11 3.27 31.99
C ASP B 47 -25.40 3.83 30.60
N THR B 48 -24.43 4.55 30.06
CA THR B 48 -24.51 5.04 28.69
C THR B 48 -23.68 4.11 27.82
N TRP B 49 -23.71 4.31 26.52
CA TRP B 49 -22.95 3.46 25.59
C TRP B 49 -21.44 3.60 25.82
N GLU B 50 -21.07 4.61 26.59
CA GLU B 50 -19.67 4.89 26.94
C GLU B 50 -19.13 3.84 27.88
N ASP B 51 -19.92 3.56 28.91
CA ASP B 51 -19.63 2.50 29.89
C ASP B 51 -19.45 1.16 29.18
N ALA B 52 -20.42 0.81 28.34
CA ALA B 52 -20.39 -0.42 27.57
C ALA B 52 -19.10 -0.56 26.77
N LEU B 53 -18.82 0.43 25.91
CA LEU B 53 -17.58 0.44 25.11
C LEU B 53 -16.28 0.29 25.94
N TYR B 54 -16.29 0.82 27.15
CA TYR B 54 -15.13 0.73 28.02
C TYR B 54 -14.95 -0.71 28.47
N ILE B 55 -16.04 -1.32 28.95
CA ILE B 55 -16.04 -2.74 29.30
C ILE B 55 -15.55 -3.61 28.14
N ILE B 56 -16.13 -3.45 26.96
CA ILE B 56 -15.79 -4.28 25.80
C ILE B 56 -14.30 -4.15 25.46
N ARG B 57 -13.81 -2.92 25.42
CA ARG B 57 -12.40 -2.63 25.18
C ARG B 57 -11.46 -3.40 26.13
N LYS B 58 -11.79 -3.34 27.42
CA LYS B 58 -11.03 -4.00 28.49
C LYS B 58 -11.10 -5.51 28.44
N CYS B 59 -12.29 -6.07 28.24
CA CYS B 59 -12.41 -7.51 28.09
C CYS B 59 -11.53 -8.03 26.95
N LEU B 60 -11.61 -7.34 25.82
CA LEU B 60 -10.88 -7.73 24.62
C LEU B 60 -9.38 -7.49 24.65
N ASN B 61 -8.94 -6.43 25.33
CA ASN B 61 -7.53 -6.04 25.30
C ASN B 61 -6.70 -6.22 26.58
N LEU B 62 -7.37 -6.36 27.73
CA LEU B 62 -6.65 -6.64 28.97
C LEU B 62 -5.76 -7.86 28.78
N ARG B 63 -4.47 -7.68 29.07
CA ARG B 63 -3.45 -8.72 28.93
C ARG B 63 -3.29 -9.66 30.16
N LEU B 64 -4.05 -10.77 30.16
CA LEU B 64 -4.23 -11.58 31.34
C LEU B 64 -3.51 -12.91 31.26
N TRP B 65 -2.74 -13.10 30.18
CA TRP B 65 -2.03 -14.34 30.03
C TRP B 65 -0.51 -14.18 29.98
N ASN B 66 0.18 -15.18 30.51
CA ASN B 66 1.62 -15.30 30.40
C ASN B 66 2.02 -15.49 28.95
N ASN B 67 3.23 -15.04 28.63
CA ASN B 67 3.97 -15.53 27.49
C ASN B 67 5.31 -16.05 28.06
N ASP B 68 5.40 -17.38 28.18
CA ASP B 68 6.43 -18.07 28.93
C ASP B 68 6.44 -17.61 30.39
N ASN B 69 7.55 -17.01 30.82
CA ASN B 69 7.68 -16.42 32.16
C ASN B 69 7.08 -15.03 32.24
N LYS B 70 6.91 -14.38 31.08
CA LYS B 70 6.35 -13.03 30.99
C LYS B 70 4.91 -13.00 31.40
N THR B 71 4.63 -12.39 32.55
CA THR B 71 3.26 -12.25 33.04
C THR B 71 2.52 -11.05 32.43
N TRP B 72 1.18 -11.10 32.47
CA TRP B 72 0.32 -10.04 31.96
C TRP B 72 0.69 -9.53 30.56
N ASP B 73 0.87 -10.48 29.63
CA ASP B 73 1.46 -10.24 28.30
C ASP B 73 0.46 -10.35 27.13
N LYS B 74 -0.36 -11.39 27.14
CA LYS B 74 -1.30 -11.65 26.05
C LYS B 74 -2.75 -11.38 26.44
N ASN B 75 -3.50 -10.80 25.50
CA ASN B 75 -4.94 -10.64 25.66
C ASN B 75 -5.66 -11.78 25.00
N VAL B 76 -6.98 -11.76 25.12
CA VAL B 76 -7.81 -12.86 24.65
C VAL B 76 -7.74 -13.01 23.13
N LYS B 77 -7.60 -11.90 22.42
CA LYS B 77 -7.52 -11.85 20.95
C LYS B 77 -6.19 -12.35 20.39
N ASP B 78 -5.09 -11.97 21.04
CA ASP B 78 -3.74 -12.42 20.70
C ASP B 78 -3.67 -13.93 20.60
N LEU B 79 -4.40 -14.60 21.50
CA LEU B 79 -4.33 -16.05 21.66
C LEU B 79 -5.43 -16.80 20.91
N ASN B 80 -6.28 -16.05 20.20
CA ASN B 80 -7.46 -16.61 19.55
C ASN B 80 -8.41 -17.34 20.51
N TYR B 81 -8.58 -16.77 21.70
CA TYR B 81 -9.39 -17.35 22.77
C TYR B 81 -10.81 -16.82 22.76
N GLU B 82 -11.65 -17.37 23.63
CA GLU B 82 -13.08 -17.13 23.58
C GLU B 82 -13.57 -16.33 24.76
N LEU B 83 -14.70 -15.65 24.61
CA LEU B 83 -15.30 -14.94 25.73
C LEU B 83 -16.68 -15.50 25.96
N LEU B 84 -17.07 -15.60 27.22
CA LEU B 84 -18.42 -16.00 27.57
C LEU B 84 -19.01 -14.89 28.43
N ILE B 85 -19.99 -14.16 27.87
CA ILE B 85 -20.53 -12.99 28.54
C ILE B 85 -21.86 -13.34 29.23
N VAL B 86 -21.97 -12.98 30.49
CA VAL B 86 -23.11 -13.41 31.29
C VAL B 86 -23.59 -12.21 32.06
N SER B 87 -24.87 -11.90 31.91
CA SER B 87 -25.48 -10.79 32.58
C SER B 87 -25.61 -11.10 34.07
N GLN B 88 -25.24 -10.16 34.92
CA GLN B 88 -25.19 -10.37 36.37
C GLN B 88 -25.69 -9.15 37.13
N PHE B 89 -26.99 -9.09 37.36
CA PHE B 89 -27.56 -7.95 38.09
C PHE B 89 -27.11 -7.90 39.57
N THR B 90 -26.64 -9.03 40.07
CA THR B 90 -26.23 -9.12 41.48
C THR B 90 -25.00 -8.27 41.82
N LEU B 91 -24.17 -7.92 40.82
CA LEU B 91 -23.02 -7.04 41.02
C LEU B 91 -23.39 -5.71 41.68
N PHE B 92 -24.67 -5.35 41.60
CA PHE B 92 -25.17 -4.12 42.16
C PHE B 92 -25.97 -4.37 43.42
N GLY B 93 -25.82 -5.57 43.99
CA GLY B 93 -26.48 -5.94 45.23
C GLY B 93 -25.93 -5.20 46.43
N ASN B 94 -26.71 -4.25 46.95
CA ASN B 94 -26.32 -3.46 48.12
C ASN B 94 -26.35 -4.32 49.37
N THR B 95 -25.22 -4.37 50.05
CA THR B 95 -25.04 -5.23 51.20
C THR B 95 -24.67 -4.41 52.43
N LYS B 96 -24.56 -3.10 52.25
CA LYS B 96 -24.17 -2.17 53.30
C LYS B 96 -25.09 -2.28 54.52
N LYS B 97 -26.40 -2.23 54.31
CA LYS B 97 -27.34 -2.39 55.42
C LYS B 97 -28.04 -3.74 55.41
N GLY B 98 -27.73 -4.56 56.43
CA GLY B 98 -28.36 -5.86 56.60
C GLY B 98 -27.81 -6.97 55.73
N ASN B 99 -28.33 -8.17 55.93
CA ASN B 99 -27.83 -9.37 55.24
C ASN B 99 -28.68 -9.82 54.06
N LYS B 100 -29.75 -9.07 53.79
CA LYS B 100 -30.63 -9.31 52.66
C LYS B 100 -30.30 -8.25 51.59
N PRO B 101 -29.61 -8.66 50.51
CA PRO B 101 -29.17 -7.68 49.51
C PRO B 101 -30.33 -7.20 48.63
N ASP B 102 -30.29 -5.93 48.24
CA ASP B 102 -31.24 -5.36 47.28
C ASP B 102 -30.51 -4.68 46.13
N PHE B 103 -31.13 -4.67 44.95
CA PHE B 103 -30.43 -4.35 43.70
C PHE B 103 -31.03 -3.16 42.97
N HIS B 104 -31.19 -2.04 43.69
CA HIS B 104 -31.85 -0.86 43.15
C HIS B 104 -31.09 -0.15 42.04
N LEU B 105 -29.77 -0.34 41.99
CA LEU B 105 -28.93 0.41 41.06
C LEU B 105 -28.86 -0.19 39.67
N ALA B 106 -29.28 -1.44 39.54
CA ALA B 106 -29.25 -2.16 38.27
C ALA B 106 -30.34 -1.67 37.33
N LYS B 107 -29.99 -1.49 36.05
CA LYS B 107 -30.92 -1.13 34.99
C LYS B 107 -32.08 -2.12 34.89
N GLU B 108 -33.24 -1.61 34.50
CA GLU B 108 -34.47 -2.38 34.44
C GLU B 108 -34.40 -3.52 33.39
N PRO B 109 -34.78 -4.75 33.78
CA PRO B 109 -34.67 -5.95 32.93
C PRO B 109 -34.93 -5.77 31.41
N ASN B 110 -35.94 -4.98 31.04
CA ASN B 110 -36.30 -4.78 29.62
C ASN B 110 -35.35 -3.85 28.87
N GLU B 111 -34.94 -2.77 29.54
CA GLU B 111 -33.93 -1.86 28.97
C GLU B 111 -32.57 -2.53 29.04
N ALA B 112 -32.34 -3.28 30.12
CA ALA B 112 -31.13 -4.06 30.31
C ALA B 112 -30.87 -4.99 29.12
N LEU B 113 -31.91 -5.71 28.70
CA LEU B 113 -31.84 -6.68 27.60
C LEU B 113 -31.35 -6.07 26.29
N ILE B 114 -31.96 -4.97 25.85
CA ILE B 114 -31.56 -4.36 24.58
C ILE B 114 -30.15 -3.77 24.72
N PHE B 115 -29.84 -3.24 25.90
CA PHE B 115 -28.50 -2.72 26.18
C PHE B 115 -27.47 -3.85 26.14
N TYR B 116 -27.77 -4.94 26.86
CA TYR B 116 -26.95 -6.14 26.86
C TYR B 116 -26.67 -6.66 25.45
N ASN B 117 -27.75 -6.78 24.67
CA ASN B 117 -27.69 -7.37 23.34
C ASN B 117 -26.90 -6.51 22.37
N LYS B 118 -27.04 -5.20 22.51
CA LYS B 118 -26.18 -4.25 21.82
C LYS B 118 -24.71 -4.53 22.14
N ILE B 119 -24.41 -4.72 23.43
CA ILE B 119 -23.06 -5.08 23.89
C ILE B 119 -22.55 -6.36 23.22
N ILE B 120 -23.39 -7.38 23.15
CA ILE B 120 -23.01 -8.64 22.48
C ILE B 120 -22.71 -8.41 21.01
N ASP B 121 -23.51 -7.56 20.35
CA ASP B 121 -23.26 -7.20 18.96
C ASP B 121 -21.88 -6.58 18.79
N GLU B 122 -21.59 -5.62 19.67
CA GLU B 122 -20.33 -4.89 19.62
C GLU B 122 -19.12 -5.79 19.89
N PHE B 123 -19.25 -6.66 20.89
CA PHE B 123 -18.19 -7.66 21.16
C PHE B 123 -17.86 -8.40 19.88
N LYS B 124 -18.90 -8.85 19.19
CA LYS B 124 -18.76 -9.58 17.94
C LYS B 124 -18.15 -8.70 16.84
N LYS B 125 -18.55 -7.43 16.79
CA LYS B 125 -17.96 -6.50 15.81
C LYS B 125 -16.48 -6.19 16.08
N GLN B 126 -16.12 -5.99 17.34
CA GLN B 126 -14.74 -5.69 17.72
C GLN B 126 -13.78 -6.88 17.71
N TYR B 127 -14.31 -8.09 17.59
CA TYR B 127 -13.50 -9.30 17.64
C TYR B 127 -14.00 -10.23 16.54
N ASN B 128 -14.82 -11.19 16.93
CA ASN B 128 -15.26 -12.23 16.04
C ASN B 128 -16.55 -12.85 16.54
N ASP B 129 -17.47 -13.06 15.61
CA ASP B 129 -18.76 -13.69 15.87
C ASP B 129 -18.59 -15.06 16.52
N ASP B 130 -17.55 -15.76 16.11
CA ASP B 130 -17.33 -17.14 16.54
C ASP B 130 -16.80 -17.29 17.98
N LYS B 131 -16.39 -16.19 18.61
CA LYS B 131 -15.64 -16.24 19.86
C LYS B 131 -16.46 -15.71 21.03
N ILE B 132 -17.64 -15.20 20.73
CA ILE B 132 -18.49 -14.63 21.75
C ILE B 132 -19.60 -15.62 21.98
N LYS B 133 -19.55 -16.27 23.13
CA LYS B 133 -20.65 -17.10 23.59
C LYS B 133 -21.37 -16.29 24.66
N ILE B 134 -22.63 -16.65 24.88
CA ILE B 134 -23.52 -15.94 25.80
C ILE B 134 -24.35 -16.89 26.65
N GLY B 135 -25.01 -16.35 27.67
CA GLY B 135 -25.91 -17.16 28.48
C GLY B 135 -27.35 -16.96 28.03
N LYS B 136 -28.30 -17.26 28.91
CA LYS B 136 -29.70 -16.92 28.66
C LYS B 136 -30.10 -15.83 29.64
N PHE B 137 -30.18 -14.61 29.12
CA PHE B 137 -30.56 -13.43 29.87
C PHE B 137 -31.78 -13.64 30.76
N GLY B 138 -31.67 -13.30 32.03
CA GLY B 138 -32.80 -13.36 32.94
C GLY B 138 -33.14 -14.74 33.41
N ASN B 139 -32.48 -15.75 32.85
CA ASN B 139 -32.77 -17.14 33.22
C ASN B 139 -31.75 -17.68 34.21
N TYR B 140 -32.22 -18.50 35.15
CA TYR B 140 -31.33 -19.21 36.04
C TYR B 140 -30.31 -20.01 35.22
N MET B 141 -29.07 -20.08 35.69
CA MET B 141 -28.01 -20.79 34.96
C MET B 141 -27.09 -21.57 35.88
N ASN B 142 -26.62 -22.69 35.36
CA ASN B 142 -25.54 -23.47 35.94
C ASN B 142 -24.28 -23.29 35.08
N ILE B 143 -23.22 -22.70 35.63
CA ILE B 143 -21.99 -22.57 34.85
C ILE B 143 -20.81 -23.26 35.51
N ASP B 144 -20.37 -24.37 34.92
CA ASP B 144 -19.16 -25.05 35.30
C ASP B 144 -17.97 -24.31 34.68
N VAL B 145 -17.17 -23.67 35.54
CA VAL B 145 -16.03 -22.85 35.11
C VAL B 145 -14.72 -23.44 35.64
N THR B 146 -13.76 -23.68 34.75
CA THR B 146 -12.38 -23.99 35.15
C THR B 146 -11.55 -22.71 35.31
N ASN B 147 -11.54 -22.17 36.52
CA ASN B 147 -10.72 -21.01 36.85
C ASN B 147 -9.22 -21.23 36.75
N ASP B 148 -8.55 -20.41 35.95
CA ASP B 148 -7.16 -20.67 35.53
C ASP B 148 -6.23 -19.69 36.27
N GLY B 149 -5.62 -20.13 37.38
CA GLY B 149 -4.81 -19.24 38.23
C GLY B 149 -5.18 -19.27 39.71
N PRO B 150 -6.39 -18.78 40.11
CA PRO B 150 -7.37 -18.02 39.31
C PRO B 150 -6.87 -16.64 38.97
N VAL B 151 -7.45 -16.04 37.95
CA VAL B 151 -7.26 -14.64 37.70
C VAL B 151 -8.64 -13.99 37.62
N THR B 152 -8.98 -13.18 38.62
CA THR B 152 -10.23 -12.44 38.69
C THR B 152 -9.96 -10.97 38.69
N ILE B 153 -10.58 -10.26 37.76
CA ILE B 153 -10.37 -8.83 37.63
C ILE B 153 -11.71 -8.14 37.81
N TYR B 154 -11.70 -6.94 38.40
CA TYR B 154 -12.96 -6.22 38.61
C TYR B 154 -12.88 -4.78 38.12
N ILE B 155 -13.86 -4.42 37.29
CA ILE B 155 -13.92 -3.08 36.71
C ILE B 155 -15.29 -2.46 36.91
N ASP B 156 -15.30 -1.23 37.41
CA ASP B 156 -16.51 -0.43 37.55
C ASP B 156 -16.26 0.87 36.82
N THR B 157 -17.04 1.14 35.78
CA THR B 157 -16.81 2.32 34.95
C THR B 157 -17.29 3.62 35.59
N HIS B 158 -18.05 3.49 36.68
CA HIS B 158 -18.41 4.62 37.54
C HIS B 158 -17.30 5.03 38.53
N ASP B 159 -16.07 4.60 38.29
CA ASP B 159 -14.90 5.00 39.08
C ASP B 159 -14.09 6.07 38.32
N MET C 1 -4.63 -9.69 0.21
CA MET C 1 -3.72 -8.83 -0.61
C MET C 1 -3.97 -7.34 -0.41
N ARG C 2 -3.01 -6.55 -0.86
CA ARG C 2 -3.08 -5.10 -0.73
C ARG C 2 -2.64 -4.49 -2.04
N VAL C 3 -3.39 -3.49 -2.50
CA VAL C 3 -3.03 -2.79 -3.72
C VAL C 3 -3.24 -1.28 -3.59
N VAL C 4 -2.31 -0.53 -4.16
CA VAL C 4 -2.41 0.90 -4.31
C VAL C 4 -2.60 1.11 -5.79
N ILE C 5 -3.78 1.58 -6.16
CA ILE C 5 -4.10 1.81 -7.56
C ILE C 5 -3.90 3.29 -7.83
N GLN C 6 -3.03 3.61 -8.78
CA GLN C 6 -2.88 5.00 -9.17
C GLN C 6 -3.18 5.22 -10.64
N ARG C 7 -3.95 6.27 -10.93
CA ARG C 7 -4.31 6.63 -12.29
C ARG C 7 -3.17 7.38 -12.96
N VAL C 8 -2.90 7.05 -14.22
CA VAL C 8 -1.74 7.57 -14.93
C VAL C 8 -1.98 8.00 -16.39
N LYS C 9 -1.23 9.02 -16.82
CA LYS C 9 -1.08 9.37 -18.23
C LYS C 9 0.00 8.49 -18.87
N GLY C 10 0.91 7.98 -18.05
CA GLY C 10 1.99 7.12 -18.50
C GLY C 10 2.84 6.59 -17.35
N ALA C 11 3.74 5.66 -17.68
CA ALA C 11 4.69 5.07 -16.74
C ALA C 11 5.86 4.42 -17.50
N ILE C 12 7.08 4.81 -17.18
CA ILE C 12 8.27 4.21 -17.76
C ILE C 12 9.05 3.56 -16.64
N LEU C 13 9.08 2.22 -16.65
CA LEU C 13 9.74 1.42 -15.61
C LEU C 13 11.15 0.98 -16.04
N SER C 14 12.11 1.13 -15.13
CA SER C 14 13.52 0.76 -15.36
C SER C 14 14.08 -0.12 -14.24
N VAL C 15 15.12 -0.88 -14.57
CA VAL C 15 15.90 -1.65 -13.59
C VAL C 15 17.39 -1.35 -13.79
N ARG C 16 18.20 -1.65 -12.79
CA ARG C 16 19.67 -1.52 -12.95
C ARG C 16 20.22 -2.64 -13.84
N LEU C 27 20.40 2.44 -15.65
CA LEU C 27 19.14 1.70 -15.74
C LEU C 27 18.73 1.46 -17.18
N GLU C 28 17.99 0.38 -17.41
CA GLU C 28 17.41 0.11 -18.74
C GLU C 28 15.88 0.08 -18.70
N ILE C 29 15.27 0.73 -19.69
CA ILE C 29 13.82 0.72 -19.85
C ILE C 29 13.36 -0.69 -20.23
N ILE C 30 12.59 -1.31 -19.36
CA ILE C 30 12.12 -2.66 -19.63
C ILE C 30 10.60 -2.71 -19.82
N SER C 31 9.90 -1.76 -19.21
CA SER C 31 8.45 -1.65 -19.31
C SER C 31 7.99 -0.22 -19.54
N GLU C 32 6.74 -0.06 -19.95
CA GLU C 32 6.18 1.23 -20.31
C GLU C 32 4.70 1.09 -20.59
N ILE C 33 3.93 2.11 -20.21
CA ILE C 33 2.52 2.21 -20.58
C ILE C 33 2.20 3.66 -20.87
N LYS C 34 1.17 3.90 -21.69
CA LYS C 34 0.57 5.23 -21.79
C LYS C 34 -0.50 5.30 -20.69
N ASN C 35 -1.69 5.80 -21.03
CA ASN C 35 -2.77 5.92 -20.06
C ASN C 35 -3.21 4.59 -19.47
N GLY C 36 -3.56 4.60 -18.19
CA GLY C 36 -4.04 3.40 -17.55
C GLY C 36 -3.89 3.45 -16.05
N LEU C 37 -3.41 2.34 -15.48
CA LEU C 37 -3.23 2.21 -14.04
C LEU C 37 -1.88 1.58 -13.67
N ILE C 38 -1.18 2.20 -12.72
CA ILE C 38 -0.10 1.52 -12.02
C ILE C 38 -0.67 0.93 -10.72
N CYS C 39 -0.43 -0.36 -10.50
CA CYS C 39 -0.97 -1.04 -9.34
C CYS C 39 0.15 -1.72 -8.58
N PHE C 40 0.44 -1.18 -7.39
CA PHE C 40 1.42 -1.73 -6.45
C PHE C 40 0.78 -2.87 -5.67
N LEU C 41 1.28 -4.07 -5.92
CA LEU C 41 0.63 -5.27 -5.45
C LEU C 41 1.38 -5.90 -4.29
N GLY C 42 0.72 -5.97 -3.15
CA GLY C 42 1.27 -6.62 -1.98
C GLY C 42 0.54 -7.91 -1.69
N ILE C 43 1.28 -9.02 -1.72
CA ILE C 43 0.73 -10.35 -1.46
C ILE C 43 1.02 -10.79 -0.03
N HIS C 44 -0.04 -10.84 0.78
CA HIS C 44 0.01 -11.34 2.14
C HIS C 44 0.36 -12.83 2.11
N LYS C 45 0.94 -13.36 3.18
CA LYS C 45 1.38 -14.76 3.21
C LYS C 45 0.23 -15.78 3.33
N ASN C 46 -0.91 -15.31 3.87
CA ASN C 46 -2.15 -16.10 4.00
C ASN C 46 -3.10 -15.97 2.82
N ASP C 47 -2.64 -15.33 1.75
CA ASP C 47 -3.53 -15.01 0.63
C ASP C 47 -3.99 -16.23 -0.19
N THR C 48 -5.32 -16.35 -0.30
CA THR C 48 -5.99 -17.34 -1.14
C THR C 48 -5.95 -16.88 -2.61
N TRP C 49 -6.60 -17.60 -3.52
CA TRP C 49 -6.69 -17.15 -4.92
C TRP C 49 -7.86 -16.19 -5.06
N GLU C 50 -8.81 -16.28 -4.13
CA GLU C 50 -9.97 -15.38 -4.12
C GLU C 50 -9.57 -13.94 -3.77
N ASP C 51 -8.53 -13.81 -2.96
CA ASP C 51 -7.91 -12.52 -2.69
C ASP C 51 -7.37 -11.94 -3.99
N ALA C 52 -6.58 -12.75 -4.70
CA ALA C 52 -6.00 -12.35 -5.99
C ALA C 52 -7.05 -12.10 -7.08
N LEU C 53 -8.18 -12.80 -6.98
CA LEU C 53 -9.25 -12.62 -7.95
C LEU C 53 -9.90 -11.27 -7.74
N TYR C 54 -10.07 -10.92 -6.46
CA TYR C 54 -10.64 -9.65 -6.07
C TYR C 54 -9.75 -8.48 -6.51
N ILE C 55 -8.43 -8.65 -6.43
CA ILE C 55 -7.51 -7.57 -6.81
C ILE C 55 -7.64 -7.31 -8.29
N ILE C 56 -7.39 -8.33 -9.10
CA ILE C 56 -7.54 -8.23 -10.56
C ILE C 56 -8.90 -7.60 -10.93
N ARG C 57 -9.94 -8.03 -10.22
CA ARG C 57 -11.29 -7.60 -10.48
C ARG C 57 -11.52 -6.10 -10.31
N LYS C 58 -11.00 -5.52 -9.23
CA LYS C 58 -11.19 -4.11 -8.98
C LYS C 58 -10.23 -3.28 -9.81
N CYS C 59 -9.01 -3.78 -9.98
CA CYS C 59 -8.07 -3.12 -10.88
C CYS C 59 -8.67 -2.94 -12.28
N LEU C 60 -9.32 -3.99 -12.77
CA LEU C 60 -9.84 -3.98 -14.13
C LEU C 60 -11.21 -3.32 -14.27
N ASN C 61 -12.00 -3.33 -13.20
CA ASN C 61 -13.39 -2.86 -13.27
C ASN C 61 -13.72 -1.53 -12.59
N LEU C 62 -12.87 -1.09 -11.68
CA LEU C 62 -13.08 0.20 -10.99
C LEU C 62 -13.19 1.37 -11.96
N ARG C 63 -14.23 2.17 -11.79
CA ARG C 63 -14.55 3.22 -12.74
C ARG C 63 -13.89 4.54 -12.41
N LEU C 64 -12.66 4.72 -12.89
CA LEU C 64 -11.76 5.76 -12.40
C LEU C 64 -11.55 6.93 -13.35
N TRP C 65 -12.18 6.84 -14.53
CA TRP C 65 -12.23 7.96 -15.46
C TRP C 65 -13.63 8.53 -15.64
N ASN C 66 -13.66 9.84 -15.90
CA ASN C 66 -14.87 10.56 -16.27
C ASN C 66 -15.19 10.37 -17.74
N ASN C 67 -16.46 10.56 -18.07
CA ASN C 67 -16.92 10.37 -19.43
C ASN C 67 -17.94 11.43 -19.77
N ASP C 68 -17.53 12.33 -20.66
CA ASP C 68 -18.27 13.56 -20.99
C ASP C 68 -19.54 13.81 -20.19
N ASN C 69 -19.39 14.55 -19.10
CA ASN C 69 -20.49 14.95 -18.22
C ASN C 69 -20.80 13.95 -17.11
N LYS C 70 -20.19 12.78 -17.17
CA LYS C 70 -20.37 11.75 -16.14
C LYS C 70 -19.05 11.46 -15.42
N THR C 71 -19.09 11.42 -14.10
CA THR C 71 -17.89 11.19 -13.30
C THR C 71 -17.78 9.72 -12.86
N TRP C 72 -16.55 9.24 -12.69
CA TRP C 72 -16.29 7.88 -12.19
C TRP C 72 -17.09 6.87 -13.01
N ASP C 73 -16.84 6.87 -14.31
CA ASP C 73 -17.76 6.26 -15.25
C ASP C 73 -17.13 5.13 -16.06
N LYS C 74 -15.91 5.34 -16.54
CA LYS C 74 -15.22 4.33 -17.36
C LYS C 74 -14.14 3.57 -16.60
N ASN C 75 -13.91 2.30 -16.95
CA ASN C 75 -12.78 1.54 -16.42
C ASN C 75 -11.63 1.44 -17.42
N VAL C 76 -10.54 0.82 -17.00
CA VAL C 76 -9.33 0.66 -17.82
C VAL C 76 -9.65 0.01 -19.17
N LYS C 77 -10.45 -1.07 -19.11
CA LYS C 77 -10.89 -1.82 -20.30
C LYS C 77 -11.66 -0.92 -21.25
N ASP C 78 -12.75 -0.33 -20.75
CA ASP C 78 -13.61 0.59 -21.51
C ASP C 78 -12.84 1.54 -22.43
N LEU C 79 -11.66 1.97 -21.97
CA LEU C 79 -10.86 2.94 -22.72
C LEU C 79 -9.70 2.28 -23.45
N ASN C 80 -9.62 0.95 -23.33
CA ASN C 80 -8.56 0.17 -23.95
C ASN C 80 -7.20 0.65 -23.44
N TYR C 81 -7.16 0.96 -22.15
CA TYR C 81 -5.95 1.48 -21.52
C TYR C 81 -5.14 0.33 -20.96
N GLU C 82 -3.96 0.61 -20.40
CA GLU C 82 -3.06 -0.45 -19.92
C GLU C 82 -2.92 -0.46 -18.41
N LEU C 83 -2.33 -1.54 -17.90
CA LEU C 83 -2.00 -1.67 -16.48
C LEU C 83 -0.54 -2.05 -16.33
N LEU C 84 0.17 -1.37 -15.43
CA LEU C 84 1.54 -1.74 -15.03
C LEU C 84 1.47 -2.27 -13.62
N ILE C 85 1.56 -3.59 -13.51
CA ILE C 85 1.49 -4.28 -12.24
C ILE C 85 2.91 -4.46 -11.70
N VAL C 86 3.08 -4.08 -10.43
CA VAL C 86 4.37 -3.98 -9.77
C VAL C 86 4.21 -4.60 -8.39
N SER C 87 5.05 -5.59 -8.07
CA SER C 87 4.99 -6.21 -6.74
C SER C 87 5.65 -5.33 -5.68
N GLN C 88 4.97 -5.18 -4.54
CA GLN C 88 5.43 -4.35 -3.45
C GLN C 88 5.21 -5.03 -2.11
N PHE C 89 6.24 -5.72 -1.62
CA PHE C 89 6.15 -6.35 -0.29
C PHE C 89 6.02 -5.28 0.80
N THR C 90 6.54 -4.09 0.48
CA THR C 90 6.63 -2.95 1.38
C THR C 90 5.28 -2.53 1.92
N LEU C 91 4.23 -2.82 1.15
CA LEU C 91 2.85 -2.54 1.57
C LEU C 91 2.44 -3.32 2.81
N PHE C 92 3.20 -4.37 3.13
CA PHE C 92 2.97 -5.14 4.37
C PHE C 92 3.88 -4.76 5.54
N GLY C 93 4.78 -3.81 5.29
CA GLY C 93 5.62 -3.22 6.32
C GLY C 93 4.78 -2.63 7.45
N ASN C 94 4.78 -3.32 8.59
CA ASN C 94 4.09 -2.83 9.77
C ASN C 94 4.88 -1.72 10.45
N THR C 95 4.19 -0.62 10.72
CA THR C 95 4.80 0.60 11.26
C THR C 95 4.19 0.96 12.62
N LYS C 96 3.34 0.05 13.12
CA LYS C 96 2.81 0.17 14.47
C LYS C 96 3.94 -0.04 15.49
N LYS C 97 4.92 -0.85 15.07
CA LYS C 97 6.10 -1.23 15.85
C LYS C 97 6.81 0.02 16.36
N GLY C 98 7.69 0.57 15.52
CA GLY C 98 8.30 1.87 15.77
C GLY C 98 8.47 2.64 14.47
N ASN C 99 9.72 3.01 14.17
CA ASN C 99 10.05 3.81 13.00
C ASN C 99 10.86 3.02 12.00
N LYS C 100 11.19 1.79 12.37
CA LYS C 100 11.73 0.81 11.44
C LYS C 100 10.56 -0.10 11.03
N PRO C 101 10.37 -0.32 9.72
CA PRO C 101 9.29 -1.19 9.26
C PRO C 101 9.68 -2.67 9.14
N ASP C 102 8.88 -3.55 9.73
CA ASP C 102 9.10 -4.98 9.55
C ASP C 102 8.04 -5.64 8.63
N PHE C 103 8.52 -6.43 7.68
CA PHE C 103 7.66 -7.02 6.65
C PHE C 103 7.45 -8.52 6.86
N HIS C 104 7.21 -8.92 8.10
CA HIS C 104 7.06 -10.35 8.39
C HIS C 104 5.71 -10.87 7.89
N LEU C 105 4.70 -10.00 7.93
CA LEU C 105 3.33 -10.35 7.55
C LEU C 105 3.16 -10.50 6.04
N ALA C 106 4.27 -10.69 5.32
CA ALA C 106 4.28 -10.77 3.87
C ALA C 106 4.70 -12.16 3.37
N LYS C 107 4.35 -12.46 2.13
CA LYS C 107 4.66 -13.75 1.52
C LYS C 107 6.13 -13.84 1.10
N GLU C 108 6.73 -14.98 1.46
CA GLU C 108 8.10 -15.33 1.12
C GLU C 108 8.39 -15.11 -0.36
N PRO C 109 9.53 -14.49 -0.69
CA PRO C 109 9.98 -14.17 -2.05
C PRO C 109 9.81 -15.24 -3.14
N ASN C 110 9.98 -16.51 -2.77
CA ASN C 110 9.85 -17.61 -3.74
C ASN C 110 8.41 -18.08 -3.91
N GLU C 111 7.66 -18.10 -2.79
CA GLU C 111 6.25 -18.46 -2.81
C GLU C 111 5.37 -17.31 -3.31
N ALA C 112 5.92 -16.10 -3.34
CA ALA C 112 5.20 -14.93 -3.86
C ALA C 112 5.44 -14.73 -5.35
N LEU C 113 6.63 -15.10 -5.82
CA LEU C 113 6.95 -14.98 -7.25
C LEU C 113 6.07 -15.88 -8.09
N ILE C 114 5.79 -17.08 -7.59
CA ILE C 114 4.89 -18.02 -8.26
C ILE C 114 3.47 -17.44 -8.32
N PHE C 115 3.04 -16.85 -7.20
CA PHE C 115 1.74 -16.20 -7.04
C PHE C 115 1.57 -15.01 -7.98
N TYR C 116 2.53 -14.08 -7.91
CA TYR C 116 2.53 -12.86 -8.74
C TYR C 116 2.50 -13.19 -10.23
N ASN C 117 3.23 -14.24 -10.62
CA ASN C 117 3.21 -14.72 -12.00
C ASN C 117 1.86 -15.30 -12.44
N LYS C 118 1.17 -15.97 -11.52
CA LYS C 118 -0.17 -16.51 -11.81
C LYS C 118 -1.24 -15.41 -11.81
N ILE C 119 -0.99 -14.36 -11.02
CA ILE C 119 -1.82 -13.16 -11.03
C ILE C 119 -1.68 -12.44 -12.37
N ILE C 120 -0.44 -12.24 -12.81
CA ILE C 120 -0.14 -11.59 -14.10
C ILE C 120 -0.83 -12.31 -15.27
N ASP C 121 -0.90 -13.64 -15.17
CA ASP C 121 -1.57 -14.47 -16.16
C ASP C 121 -3.07 -14.29 -16.17
N GLU C 122 -3.68 -14.35 -14.99
CA GLU C 122 -5.11 -14.10 -14.83
C GLU C 122 -5.51 -12.67 -15.23
N PHE C 123 -4.58 -11.72 -15.05
CA PHE C 123 -4.78 -10.35 -15.51
C PHE C 123 -5.02 -10.31 -17.01
N LYS C 124 -4.26 -11.13 -17.74
CA LYS C 124 -4.35 -11.21 -19.19
C LYS C 124 -5.61 -11.97 -19.64
N LYS C 125 -6.07 -12.89 -18.81
CA LYS C 125 -7.30 -13.65 -19.05
C LYS C 125 -8.56 -12.80 -18.83
N GLN C 126 -8.58 -12.05 -17.73
CA GLN C 126 -9.74 -11.23 -17.39
C GLN C 126 -9.82 -9.91 -18.18
N TYR C 127 -8.84 -9.68 -19.05
CA TYR C 127 -8.82 -8.48 -19.90
C TYR C 127 -8.24 -8.76 -21.27
N ASN C 128 -6.95 -8.49 -21.43
CA ASN C 128 -6.26 -8.65 -22.69
C ASN C 128 -4.76 -8.77 -22.45
N ASP C 129 -4.14 -9.73 -23.12
CA ASP C 129 -2.72 -10.03 -22.94
C ASP C 129 -1.80 -8.89 -23.37
N ASP C 130 -2.28 -8.06 -24.26
CA ASP C 130 -1.51 -6.99 -24.85
C ASP C 130 -1.49 -5.74 -23.96
N LYS C 131 -2.42 -5.69 -23.00
CA LYS C 131 -2.66 -4.50 -22.17
C LYS C 131 -2.09 -4.60 -20.75
N ILE C 132 -1.51 -5.75 -20.42
CA ILE C 132 -0.95 -5.98 -19.09
C ILE C 132 0.58 -5.94 -19.14
N LYS C 133 1.15 -4.92 -18.50
CA LYS C 133 2.61 -4.77 -18.36
C LYS C 133 3.06 -5.06 -16.92
N ILE C 134 4.37 -5.30 -16.75
CA ILE C 134 4.95 -5.71 -15.46
C ILE C 134 6.33 -5.13 -15.18
N GLY C 135 6.91 -5.51 -14.05
CA GLY C 135 8.31 -5.20 -13.72
C GLY C 135 9.02 -6.43 -13.16
N LYS C 136 10.34 -6.35 -12.99
CA LYS C 136 11.11 -7.49 -12.47
C LYS C 136 10.86 -7.73 -10.98
N PHE C 137 9.99 -8.71 -10.72
CA PHE C 137 9.53 -9.05 -9.36
C PHE C 137 10.44 -8.61 -8.21
N GLY C 138 11.60 -9.27 -8.07
CA GLY C 138 12.44 -9.03 -6.89
C GLY C 138 13.62 -8.12 -7.15
N ASN C 139 13.43 -7.15 -8.02
CA ASN C 139 14.51 -6.26 -8.40
C ASN C 139 14.31 -4.81 -7.98
N TYR C 140 15.41 -4.05 -7.98
CA TYR C 140 15.31 -2.63 -7.75
C TYR C 140 14.82 -2.02 -9.05
N MET C 141 13.68 -1.36 -8.96
CA MET C 141 13.09 -0.70 -10.11
C MET C 141 13.05 0.81 -9.94
N ASN C 142 13.15 1.50 -11.08
CA ASN C 142 13.00 2.94 -11.16
C ASN C 142 11.83 3.29 -12.05
N ILE C 143 10.75 3.79 -11.44
CA ILE C 143 9.52 4.04 -12.19
C ILE C 143 9.17 5.52 -12.27
N ASP C 144 9.28 6.08 -13.48
CA ASP C 144 8.79 7.42 -13.77
C ASP C 144 7.29 7.33 -14.05
N VAL C 145 6.49 7.86 -13.12
CA VAL C 145 5.03 7.84 -13.24
C VAL C 145 4.49 9.24 -13.50
N THR C 146 3.58 9.36 -14.47
CA THR C 146 2.78 10.58 -14.56
C THR C 146 1.41 10.33 -13.92
N ASN C 147 1.24 10.87 -12.74
CA ASN C 147 -0.01 10.77 -12.00
C ASN C 147 -1.10 11.68 -12.53
N ASP C 148 -2.24 11.10 -12.85
CA ASP C 148 -3.33 11.81 -13.51
C ASP C 148 -4.46 12.08 -12.52
N GLY C 149 -4.52 13.29 -11.98
CA GLY C 149 -5.53 13.68 -10.98
C GLY C 149 -4.92 14.36 -9.76
N PRO C 150 -4.12 13.62 -8.95
CA PRO C 150 -3.96 12.17 -8.99
C PRO C 150 -5.20 11.49 -8.45
N VAL C 151 -5.33 10.20 -8.74
CA VAL C 151 -6.37 9.40 -8.12
C VAL C 151 -5.62 8.24 -7.51
N THR C 152 -5.80 8.06 -6.20
CA THR C 152 -5.16 6.97 -5.50
C THR C 152 -6.26 6.22 -4.78
N ILE C 153 -6.34 4.92 -5.09
CA ILE C 153 -7.28 4.02 -4.47
C ILE C 153 -6.45 2.96 -3.76
N TYR C 154 -6.88 2.60 -2.55
CA TYR C 154 -6.26 1.51 -1.80
C TYR C 154 -7.24 0.43 -1.35
N ILE C 155 -6.87 -0.83 -1.58
CA ILE C 155 -7.66 -1.97 -1.14
C ILE C 155 -6.85 -2.94 -0.27
N ASP C 156 -7.45 -3.36 0.85
CA ASP C 156 -6.99 -4.55 1.56
C ASP C 156 -8.09 -5.60 1.50
N THR C 157 -7.86 -6.67 0.72
CA THR C 157 -8.87 -7.72 0.53
C THR C 157 -9.29 -8.41 1.84
N HIS C 158 -8.40 -8.44 2.82
CA HIS C 158 -8.74 -8.95 4.14
C HIS C 158 -9.67 -8.00 4.93
N ASP C 159 -10.16 -6.95 4.26
CA ASP C 159 -11.16 -6.06 4.85
C ASP C 159 -12.57 -6.59 4.61
N ILE C 160 -12.80 -7.18 3.44
CA ILE C 160 -14.07 -7.83 3.11
C ILE C 160 -14.02 -9.31 3.52
N ASN C 161 -14.88 -9.67 4.48
CA ASN C 161 -15.01 -11.04 4.98
C ASN C 161 -15.55 -12.00 3.93
N MET D 1 -7.32 9.04 9.79
CA MET D 1 -6.56 9.59 8.63
C MET D 1 -5.83 8.49 7.89
N ARG D 2 -5.71 8.62 6.58
CA ARG D 2 -5.03 7.61 5.76
C ARG D 2 -3.91 8.27 4.96
N VAL D 3 -2.83 7.53 4.71
CA VAL D 3 -1.69 8.07 3.98
C VAL D 3 -0.98 7.00 3.17
N VAL D 4 -0.62 7.33 1.93
CA VAL D 4 0.23 6.48 1.13
C VAL D 4 1.55 7.22 0.87
N ILE D 5 2.63 6.66 1.39
CA ILE D 5 3.93 7.28 1.27
C ILE D 5 4.72 6.53 0.21
N GLN D 6 5.35 7.28 -0.69
CA GLN D 6 6.20 6.67 -1.71
C GLN D 6 7.57 7.31 -1.76
N ARG D 7 8.61 6.49 -1.82
CA ARG D 7 9.99 7.01 -1.85
C ARG D 7 10.32 7.50 -3.24
N VAL D 8 10.80 8.73 -3.33
CA VAL D 8 11.05 9.33 -4.65
C VAL D 8 12.50 9.76 -4.85
N LYS D 9 12.94 9.75 -6.10
CA LYS D 9 14.17 10.45 -6.46
C LYS D 9 13.82 11.90 -6.84
N GLY D 10 12.53 12.17 -6.93
CA GLY D 10 12.03 13.47 -7.35
C GLY D 10 10.58 13.40 -7.78
N ALA D 11 9.94 14.56 -7.79
CA ALA D 11 8.54 14.66 -8.15
C ALA D 11 8.25 16.08 -8.57
N ILE D 12 7.59 16.25 -9.72
CA ILE D 12 7.20 17.58 -10.20
C ILE D 12 5.69 17.64 -10.31
N LEU D 13 5.11 18.59 -9.58
CA LEU D 13 3.67 18.74 -9.52
C LEU D 13 3.19 19.96 -10.28
N SER D 14 2.30 19.71 -11.24
CA SER D 14 1.76 20.76 -12.09
C SER D 14 0.25 20.90 -11.91
N VAL D 15 -0.25 22.11 -12.15
CA VAL D 15 -1.69 22.37 -12.22
C VAL D 15 -2.14 22.87 -13.61
N ARG D 16 -3.47 22.93 -13.78
CA ARG D 16 -4.06 23.43 -15.02
C ARG D 16 -4.14 24.94 -15.02
N LYS D 17 -3.56 25.56 -16.06
CA LYS D 17 -3.71 27.00 -16.30
C LYS D 17 -5.19 27.30 -16.59
N LEU D 27 -0.24 22.88 -18.62
CA LEU D 27 -0.02 22.72 -17.18
C LEU D 27 1.06 23.67 -16.69
N GLU D 28 0.93 24.11 -15.44
CA GLU D 28 1.89 25.02 -14.82
C GLU D 28 2.47 24.40 -13.54
N ILE D 29 3.79 24.22 -13.52
CA ILE D 29 4.49 23.62 -12.36
C ILE D 29 4.33 24.51 -11.13
N ILE D 30 3.98 23.92 -10.00
CA ILE D 30 3.96 24.70 -8.76
C ILE D 30 4.88 24.16 -7.64
N SER D 31 5.21 22.87 -7.68
CA SER D 31 6.07 22.22 -6.68
C SER D 31 7.07 21.24 -7.31
N GLU D 32 8.28 21.23 -6.77
CA GLU D 32 9.32 20.28 -7.12
C GLU D 32 10.01 19.85 -5.84
N ILE D 33 10.28 18.55 -5.72
CA ILE D 33 11.14 18.04 -4.67
C ILE D 33 12.12 17.11 -5.34
N LYS D 34 13.33 17.02 -4.78
CA LYS D 34 14.28 16.02 -5.23
C LYS D 34 14.04 14.75 -4.39
N ASN D 35 15.10 14.09 -3.90
CA ASN D 35 14.89 12.88 -3.11
C ASN D 35 13.99 13.16 -1.90
N GLY D 36 13.16 12.20 -1.54
CA GLY D 36 12.31 12.34 -0.38
C GLY D 36 11.03 11.56 -0.49
N LEU D 37 9.96 12.10 0.06
CA LEU D 37 8.70 11.38 0.06
C LEU D 37 7.59 12.16 -0.60
N ILE D 38 6.74 11.47 -1.36
CA ILE D 38 5.44 12.01 -1.71
C ILE D 38 4.39 11.32 -0.84
N CYS D 39 3.55 12.11 -0.18
CA CYS D 39 2.58 11.56 0.76
C CYS D 39 1.16 11.96 0.39
N PHE D 40 0.34 10.96 0.04
CA PHE D 40 -1.04 11.18 -0.35
C PHE D 40 -1.91 11.12 0.91
N LEU D 41 -2.53 12.23 1.26
CA LEU D 41 -3.18 12.36 2.54
C LEU D 41 -4.72 12.35 2.48
N GLY D 42 -5.29 11.23 2.91
CA GLY D 42 -6.72 11.14 3.03
C GLY D 42 -7.13 11.58 4.41
N ILE D 43 -7.90 12.66 4.49
CA ILE D 43 -8.45 13.15 5.74
C ILE D 43 -9.88 12.62 5.96
N HIS D 44 -10.04 11.83 7.01
CA HIS D 44 -11.30 11.21 7.38
C HIS D 44 -12.25 12.22 8.04
N LYS D 45 -13.55 11.96 7.89
CA LYS D 45 -14.62 12.79 8.47
C LYS D 45 -14.45 12.95 9.98
N ASN D 46 -14.15 11.84 10.65
CA ASN D 46 -14.00 11.80 12.10
C ASN D 46 -12.55 11.88 12.61
N ASP D 47 -11.70 12.59 11.87
CA ASP D 47 -10.29 12.70 12.24
C ASP D 47 -10.08 13.74 13.33
N THR D 48 -9.26 13.37 14.32
CA THR D 48 -8.79 14.30 15.35
C THR D 48 -7.36 14.73 15.06
N TRP D 49 -6.97 15.87 15.63
CA TRP D 49 -5.60 16.38 15.54
C TRP D 49 -4.59 15.30 15.93
N GLU D 50 -4.99 14.42 16.84
CA GLU D 50 -4.24 13.23 17.19
C GLU D 50 -3.94 12.32 15.98
N ASP D 51 -4.92 12.16 15.09
CA ASP D 51 -4.76 11.35 13.88
C ASP D 51 -3.78 12.02 12.95
N ALA D 52 -3.81 13.36 12.97
CA ALA D 52 -2.90 14.18 12.20
C ALA D 52 -1.45 14.06 12.70
N LEU D 53 -1.24 14.26 14.00
CA LEU D 53 0.09 14.13 14.60
C LEU D 53 0.74 12.79 14.29
N TYR D 54 -0.07 11.74 14.29
CA TYR D 54 0.41 10.39 14.05
C TYR D 54 0.96 10.27 12.63
N ILE D 55 0.31 10.96 11.71
CA ILE D 55 0.68 10.93 10.30
C ILE D 55 2.01 11.65 10.11
N ILE D 56 2.09 12.87 10.64
CA ILE D 56 3.30 13.70 10.56
C ILE D 56 4.53 12.98 11.11
N ARG D 57 4.47 12.58 12.38
CA ARG D 57 5.55 11.78 13.01
C ARG D 57 6.05 10.62 12.15
N LYS D 58 5.11 9.87 11.56
CA LYS D 58 5.45 8.69 10.78
C LYS D 58 6.05 9.08 9.44
N CYS D 59 5.54 10.14 8.84
CA CYS D 59 6.09 10.60 7.57
C CYS D 59 7.53 11.10 7.76
N LEU D 60 7.75 11.86 8.83
CA LEU D 60 9.07 12.44 9.12
C LEU D 60 10.12 11.46 9.65
N ASN D 61 9.67 10.45 10.41
CA ASN D 61 10.58 9.57 11.14
C ASN D 61 10.73 8.13 10.64
N LEU D 62 9.82 7.65 9.80
CA LEU D 62 9.94 6.29 9.29
C LEU D 62 11.26 6.14 8.55
N ARG D 63 11.94 5.03 8.78
CA ARG D 63 13.27 4.87 8.24
C ARG D 63 13.19 4.10 6.92
N LEU D 64 13.13 4.86 5.83
CA LEU D 64 12.83 4.26 4.54
C LEU D 64 14.01 4.27 3.55
N TRP D 65 15.18 4.69 4.00
CA TRP D 65 16.37 4.67 3.14
C TRP D 65 17.52 3.81 3.65
N ASN D 66 18.32 3.30 2.72
CA ASN D 66 19.57 2.60 3.03
C ASN D 66 20.68 3.55 3.40
N ASN D 67 21.43 3.20 4.44
CA ASN D 67 22.69 3.89 4.74
C ASN D 67 23.85 2.92 4.90
N ASP D 68 24.78 2.99 3.96
CA ASP D 68 25.96 2.12 3.93
C ASP D 68 25.60 0.65 3.77
N ASN D 69 25.74 -0.12 4.85
CA ASN D 69 25.47 -1.55 4.83
C ASN D 69 24.24 -1.89 5.66
N LYS D 70 23.54 -0.86 6.11
CA LYS D 70 22.27 -1.01 6.80
C LYS D 70 21.13 -0.78 5.83
N THR D 71 20.04 -1.51 6.02
CA THR D 71 18.81 -1.27 5.26
C THR D 71 17.76 -0.71 6.21
N TRP D 72 16.79 0.01 5.64
CA TRP D 72 15.69 0.61 6.41
C TRP D 72 16.26 1.29 7.64
N ASP D 73 17.10 2.28 7.39
CA ASP D 73 17.93 2.87 8.45
C ASP D 73 17.78 4.39 8.59
N LYS D 74 17.60 5.09 7.48
CA LYS D 74 17.55 6.56 7.50
C LYS D 74 16.17 7.11 7.22
N ASN D 75 15.73 8.10 8.01
CA ASN D 75 14.50 8.85 7.72
C ASN D 75 14.70 10.11 6.86
N VAL D 76 13.60 10.75 6.49
CA VAL D 76 13.63 11.89 5.57
C VAL D 76 14.33 13.11 6.19
N LYS D 77 14.14 13.31 7.49
CA LYS D 77 14.83 14.35 8.24
C LYS D 77 16.34 14.08 8.27
N ASP D 78 16.70 12.84 8.63
CA ASP D 78 18.11 12.45 8.79
C ASP D 78 18.93 12.86 7.57
N LEU D 79 18.40 12.54 6.38
CA LEU D 79 19.08 12.77 5.10
C LEU D 79 18.82 14.14 4.51
N ASN D 80 18.07 14.97 5.24
CA ASN D 80 17.76 16.33 4.80
C ASN D 80 16.97 16.35 3.49
N TYR D 81 16.08 15.36 3.35
CA TYR D 81 15.27 15.20 2.17
C TYR D 81 13.96 15.96 2.29
N GLU D 82 13.20 16.02 1.21
CA GLU D 82 11.98 16.83 1.16
C GLU D 82 10.68 16.02 1.17
N LEU D 83 9.58 16.67 1.54
CA LEU D 83 8.27 16.02 1.49
C LEU D 83 7.29 16.74 0.58
N LEU D 84 6.52 15.97 -0.19
CA LEU D 84 5.42 16.52 -0.97
C LEU D 84 4.10 15.95 -0.43
N ILE D 85 3.35 16.80 0.26
CA ILE D 85 2.11 16.40 0.89
C ILE D 85 0.98 16.76 -0.05
N VAL D 86 0.27 15.73 -0.52
CA VAL D 86 -0.79 15.92 -1.51
C VAL D 86 -2.10 15.41 -0.90
N SER D 87 -3.13 16.25 -0.86
CA SER D 87 -4.42 15.83 -0.33
C SER D 87 -5.07 14.88 -1.31
N GLN D 88 -5.52 13.72 -0.82
CA GLN D 88 -6.13 12.66 -1.64
C GLN D 88 -7.39 12.06 -1.00
N PHE D 89 -8.54 12.69 -1.23
CA PHE D 89 -9.82 12.17 -0.71
C PHE D 89 -10.19 10.77 -1.24
N THR D 90 -9.60 10.38 -2.37
CA THR D 90 -9.89 9.09 -3.02
C THR D 90 -9.35 7.89 -2.25
N LEU D 91 -8.48 8.15 -1.29
CA LEU D 91 -8.03 7.13 -0.35
C LEU D 91 -9.22 6.56 0.43
N PHE D 92 -10.23 7.40 0.66
CA PHE D 92 -11.51 6.97 1.22
C PHE D 92 -12.48 6.66 0.10
N GLY D 93 -11.94 6.16 -1.00
CA GLY D 93 -12.75 5.59 -2.07
C GLY D 93 -13.15 4.19 -1.67
N ASN D 94 -14.30 4.09 -1.01
CA ASN D 94 -14.86 2.78 -0.72
C ASN D 94 -15.32 2.12 -2.02
N THR D 95 -14.73 0.97 -2.32
CA THR D 95 -15.03 0.24 -3.55
C THR D 95 -15.69 -1.11 -3.23
N LYS D 96 -16.01 -1.33 -1.97
CA LYS D 96 -16.52 -2.62 -1.50
C LYS D 96 -17.82 -3.05 -2.20
N LYS D 97 -18.71 -2.10 -2.45
CA LYS D 97 -19.98 -2.37 -3.13
C LYS D 97 -20.03 -1.54 -4.41
N GLY D 98 -20.01 -2.22 -5.56
CA GLY D 98 -20.06 -1.55 -6.87
C GLY D 98 -18.75 -0.89 -7.32
N ASN D 99 -18.56 -0.76 -8.62
CA ASN D 99 -17.31 -0.22 -9.20
C ASN D 99 -17.22 1.30 -9.27
N LYS D 100 -18.25 1.97 -8.78
CA LYS D 100 -18.25 3.41 -8.65
C LYS D 100 -17.72 3.76 -7.26
N PRO D 101 -16.52 4.39 -7.20
CA PRO D 101 -15.94 4.64 -5.91
C PRO D 101 -16.81 5.58 -5.11
N ASP D 102 -16.91 5.31 -3.84
CA ASP D 102 -17.85 5.99 -2.97
C ASP D 102 -17.03 6.73 -1.92
N PHE D 103 -17.17 8.05 -1.88
CA PHE D 103 -16.35 8.88 -1.00
C PHE D 103 -17.15 9.50 0.12
N HIS D 104 -17.83 8.67 0.91
CA HIS D 104 -18.71 9.21 1.97
C HIS D 104 -17.97 9.47 3.30
N LEU D 105 -16.89 8.73 3.54
CA LEU D 105 -16.07 8.91 4.75
C LEU D 105 -15.13 10.12 4.67
N ALA D 106 -14.76 10.51 3.45
CA ALA D 106 -13.89 11.66 3.23
C ALA D 106 -14.55 12.96 3.72
N LYS D 107 -13.81 13.70 4.56
CA LYS D 107 -14.26 14.96 5.17
C LYS D 107 -14.60 16.06 4.16
N GLU D 108 -15.59 16.90 4.51
CA GLU D 108 -16.04 18.03 3.67
C GLU D 108 -14.88 18.95 3.30
N PRO D 109 -14.81 19.39 2.03
CA PRO D 109 -13.59 20.02 1.50
C PRO D 109 -13.30 21.40 2.12
N ASN D 110 -14.16 21.81 3.04
CA ASN D 110 -14.02 23.10 3.72
C ASN D 110 -13.43 22.96 5.11
N GLU D 111 -13.91 21.95 5.84
CA GLU D 111 -13.29 21.50 7.07
C GLU D 111 -11.95 20.79 6.76
N ALA D 112 -11.82 20.28 5.55
CA ALA D 112 -10.64 19.50 5.18
C ALA D 112 -9.45 20.40 4.89
N LEU D 113 -9.71 21.50 4.21
CA LEU D 113 -8.69 22.48 3.86
C LEU D 113 -8.04 23.09 5.09
N ILE D 114 -8.85 23.47 6.08
CA ILE D 114 -8.35 23.98 7.36
C ILE D 114 -7.48 22.93 8.08
N PHE D 115 -7.95 21.70 8.12
CA PHE D 115 -7.23 20.58 8.74
C PHE D 115 -5.92 20.31 8.01
N TYR D 116 -5.98 20.24 6.68
CA TYR D 116 -4.82 19.99 5.83
C TYR D 116 -3.77 21.09 6.02
N ASN D 117 -4.26 22.32 6.06
CA ASN D 117 -3.41 23.50 6.25
C ASN D 117 -2.68 23.50 7.60
N LYS D 118 -3.42 23.15 8.66
CA LYS D 118 -2.85 22.92 9.99
C LYS D 118 -1.75 21.88 9.94
N ILE D 119 -2.02 20.76 9.25
CA ILE D 119 -1.07 19.66 9.11
C ILE D 119 0.21 20.11 8.42
N ILE D 120 0.08 21.05 7.49
CA ILE D 120 1.24 21.54 6.73
C ILE D 120 2.08 22.48 7.60
N ASP D 121 1.42 23.29 8.42
CA ASP D 121 2.12 24.10 9.41
C ASP D 121 2.99 23.25 10.30
N GLU D 122 2.38 22.19 10.82
CA GLU D 122 3.03 21.28 11.75
C GLU D 122 4.19 20.49 11.13
N PHE D 123 4.02 19.99 9.92
CA PHE D 123 5.15 19.43 9.19
C PHE D 123 6.32 20.42 9.22
N LYS D 124 6.02 21.70 9.06
CA LYS D 124 7.06 22.71 8.96
C LYS D 124 7.73 23.04 10.31
N LYS D 125 6.91 23.05 11.36
CA LYS D 125 7.37 23.22 12.75
C LYS D 125 8.24 22.06 13.21
N GLN D 126 7.87 20.84 12.84
CA GLN D 126 8.58 19.64 13.27
C GLN D 126 9.77 19.29 12.37
N TYR D 127 9.91 19.98 11.25
CA TYR D 127 11.04 19.75 10.36
C TYR D 127 11.59 21.11 9.93
N ASN D 128 11.04 21.64 8.84
CA ASN D 128 11.59 22.80 8.18
C ASN D 128 10.68 23.39 7.09
N ASP D 129 10.49 24.70 7.21
CA ASP D 129 9.80 25.59 6.27
C ASP D 129 9.98 25.24 4.78
N ASP D 130 11.23 25.07 4.35
CA ASP D 130 11.57 24.90 2.93
C ASP D 130 11.40 23.45 2.48
N LYS D 131 11.44 22.51 3.41
CA LYS D 131 11.45 21.08 3.08
C LYS D 131 10.11 20.47 2.68
N ILE D 132 9.03 21.16 2.99
CA ILE D 132 7.69 20.64 2.80
C ILE D 132 7.09 21.36 1.61
N LYS D 133 6.74 20.61 0.58
CA LYS D 133 6.14 21.16 -0.63
C LYS D 133 4.68 20.72 -0.62
N ILE D 134 3.78 21.53 -1.13
CA ILE D 134 2.38 21.09 -1.26
C ILE D 134 1.81 21.19 -2.68
N GLY D 135 0.59 20.68 -2.85
CA GLY D 135 -0.13 20.83 -4.11
C GLY D 135 -1.21 21.90 -4.01
N LYS D 136 -2.14 21.90 -4.97
CA LYS D 136 -3.26 22.84 -4.95
C LYS D 136 -4.54 22.12 -4.51
N PHE D 137 -4.83 22.19 -3.22
CA PHE D 137 -5.95 21.48 -2.62
C PHE D 137 -7.23 21.55 -3.44
N GLY D 138 -7.84 20.39 -3.67
CA GLY D 138 -9.09 20.31 -4.42
C GLY D 138 -9.03 20.78 -5.88
N ASN D 139 -7.83 20.83 -6.44
CA ASN D 139 -7.66 21.10 -7.86
C ASN D 139 -7.15 19.85 -8.54
N TYR D 140 -7.32 19.78 -9.85
CA TYR D 140 -6.71 18.72 -10.66
C TYR D 140 -5.20 18.96 -10.67
N MET D 141 -4.42 17.89 -10.48
CA MET D 141 -2.97 17.97 -10.50
C MET D 141 -2.36 16.88 -11.38
N ASN D 142 -1.27 17.25 -12.05
CA ASN D 142 -0.46 16.31 -12.78
C ASN D 142 0.88 16.23 -12.04
N ILE D 143 1.23 15.03 -11.57
CA ILE D 143 2.44 14.85 -10.77
C ILE D 143 3.37 13.84 -11.43
N ASP D 144 4.47 14.34 -12.02
CA ASP D 144 5.52 13.45 -12.53
C ASP D 144 6.39 13.05 -11.35
N VAL D 145 6.41 11.77 -11.04
CA VAL D 145 7.07 11.23 -9.86
C VAL D 145 8.07 10.20 -10.33
N THR D 146 9.31 10.29 -9.84
CA THR D 146 10.31 9.25 -10.09
C THR D 146 10.41 8.35 -8.87
N ASN D 147 9.68 7.23 -8.90
CA ASN D 147 9.65 6.29 -7.79
C ASN D 147 10.97 5.55 -7.65
N ASP D 148 11.49 5.55 -6.42
CA ASP D 148 12.81 4.99 -6.09
C ASP D 148 12.65 3.71 -5.26
N GLY D 149 12.82 2.58 -5.94
CA GLY D 149 12.68 1.27 -5.32
C GLY D 149 11.82 0.36 -6.17
N PRO D 150 10.50 0.63 -6.23
CA PRO D 150 9.81 1.68 -5.46
C PRO D 150 9.56 1.19 -4.05
N VAL D 151 9.22 2.11 -3.15
CA VAL D 151 8.78 1.76 -1.80
C VAL D 151 7.46 2.45 -1.52
N THR D 152 6.48 1.68 -1.04
CA THR D 152 5.16 2.19 -0.78
C THR D 152 4.71 1.70 0.57
N ILE D 153 4.32 2.65 1.40
CA ILE D 153 3.92 2.36 2.76
C ILE D 153 2.53 2.90 2.91
N TYR D 154 1.68 2.11 3.56
CA TYR D 154 0.32 2.53 3.85
C TYR D 154 0.12 2.53 5.35
N ILE D 155 -0.53 3.58 5.84
CA ILE D 155 -0.89 3.74 7.24
C ILE D 155 -2.32 4.21 7.27
N ASP D 156 -3.12 3.61 8.14
CA ASP D 156 -4.44 4.10 8.48
C ASP D 156 -4.49 4.26 9.99
N THR D 157 -4.55 5.50 10.45
CA THR D 157 -4.49 5.74 11.89
C THR D 157 -5.50 4.89 12.69
N HIS D 158 -6.73 4.79 12.21
CA HIS D 158 -7.84 4.13 12.94
C HIS D 158 -7.55 2.68 13.40
N ASP D 159 -6.64 2.00 12.72
CA ASP D 159 -6.16 0.67 13.13
C ASP D 159 -5.61 0.63 14.56
N MET E 1 3.43 11.31 -32.44
CA MET E 1 4.57 12.05 -33.03
C MET E 1 5.73 11.12 -33.35
N ARG E 2 6.53 11.48 -34.34
CA ARG E 2 7.74 10.74 -34.71
C ARG E 2 8.96 11.67 -34.70
N VAL E 3 10.11 11.16 -34.29
CA VAL E 3 11.30 11.98 -34.34
C VAL E 3 12.45 11.16 -34.89
N VAL E 4 13.29 11.80 -35.69
CA VAL E 4 14.60 11.26 -36.04
C VAL E 4 15.65 12.11 -35.33
N ILE E 5 16.41 11.48 -34.43
CA ILE E 5 17.45 12.17 -33.69
C ILE E 5 18.83 11.84 -34.26
N GLN E 6 19.62 12.86 -34.57
CA GLN E 6 20.97 12.62 -35.05
C GLN E 6 22.02 13.38 -34.25
N ARG E 7 23.08 12.67 -33.88
CA ARG E 7 24.14 13.21 -33.05
C ARG E 7 25.15 13.96 -33.91
N VAL E 8 25.38 15.24 -33.56
CA VAL E 8 26.18 16.14 -34.40
C VAL E 8 27.38 16.81 -33.70
N LYS E 9 28.45 16.99 -34.47
CA LYS E 9 29.57 17.84 -34.10
C LYS E 9 29.23 19.29 -34.42
N GLY E 10 28.40 19.48 -35.44
CA GLY E 10 27.88 20.80 -35.80
C GLY E 10 26.69 20.70 -36.73
N ALA E 11 25.96 21.80 -36.90
CA ALA E 11 24.91 21.94 -37.90
C ALA E 11 24.60 23.40 -38.22
N ILE E 12 24.66 23.75 -39.50
CA ILE E 12 24.32 25.09 -39.95
C ILE E 12 23.06 25.02 -40.83
N LEU E 13 22.05 25.79 -40.46
CA LEU E 13 20.75 25.78 -41.14
C LEU E 13 20.55 27.06 -41.95
N SER E 14 20.20 26.89 -43.23
CA SER E 14 20.00 28.02 -44.16
C SER E 14 18.61 27.99 -44.81
N VAL E 15 18.16 29.16 -45.26
CA VAL E 15 17.00 29.29 -46.16
C VAL E 15 17.43 30.13 -47.37
N ARG E 16 16.59 30.20 -48.40
CA ARG E 16 16.92 31.02 -49.58
C ARG E 16 16.55 32.52 -49.44
N LEU E 27 21.30 31.68 -50.49
CA LEU E 27 21.14 31.13 -49.15
C LEU E 27 21.59 32.05 -48.04
N GLU E 28 20.82 32.12 -46.96
CA GLU E 28 21.22 32.83 -45.76
C GLU E 28 20.95 32.04 -44.47
N ILE E 29 21.98 31.93 -43.64
CA ILE E 29 21.97 31.13 -42.41
C ILE E 29 21.03 31.75 -41.40
N ILE E 30 20.09 30.95 -40.89
CA ILE E 30 19.19 31.46 -39.87
C ILE E 30 19.43 30.81 -38.49
N SER E 31 20.16 29.70 -38.49
CA SER E 31 20.46 28.94 -37.27
C SER E 31 21.80 28.23 -37.34
N GLU E 32 22.40 27.98 -36.17
CA GLU E 32 23.62 27.19 -36.08
C GLU E 32 23.84 26.57 -34.70
N ILE E 33 24.28 25.32 -34.67
CA ILE E 33 24.70 24.67 -33.43
C ILE E 33 26.10 24.08 -33.56
N LYS E 34 26.74 23.90 -32.41
CA LYS E 34 28.02 23.21 -32.30
C LYS E 34 27.76 21.71 -32.04
N ASN E 35 28.32 21.17 -30.96
CA ASN E 35 27.99 19.81 -30.56
C ASN E 35 26.53 19.69 -30.10
N GLY E 36 25.94 18.52 -30.32
CA GLY E 36 24.58 18.25 -29.86
C GLY E 36 23.74 17.37 -30.77
N LEU E 37 22.43 17.61 -30.75
CA LEU E 37 21.45 16.83 -31.51
C LEU E 37 20.75 17.67 -32.54
N ILE E 38 20.57 17.12 -33.74
CA ILE E 38 19.60 17.66 -34.68
C ILE E 38 18.38 16.76 -34.61
N CYS E 39 17.22 17.39 -34.43
CA CYS E 39 15.98 16.64 -34.21
C CYS E 39 14.93 16.95 -35.25
N PHE E 40 14.69 16.00 -36.15
CA PHE E 40 13.63 16.11 -37.15
C PHE E 40 12.30 15.62 -36.56
N LEU E 41 11.35 16.54 -36.40
CA LEU E 41 10.13 16.33 -35.63
C LEU E 41 8.89 16.17 -36.50
N GLY E 42 8.31 14.97 -36.52
CA GLY E 42 7.07 14.73 -37.24
C GLY E 42 5.87 14.79 -36.31
N ILE E 43 4.89 15.64 -36.67
CA ILE E 43 3.70 15.86 -35.87
C ILE E 43 2.46 15.23 -36.52
N HIS E 44 1.91 14.22 -35.86
CA HIS E 44 0.75 13.45 -36.33
C HIS E 44 -0.53 14.26 -36.15
N LYS E 45 -1.54 13.96 -36.98
CA LYS E 45 -2.85 14.65 -36.91
C LYS E 45 -3.53 14.45 -35.56
N ASN E 46 -3.40 13.25 -35.01
CA ASN E 46 -3.96 12.89 -33.71
C ASN E 46 -2.90 12.88 -32.61
N ASP E 47 -2.06 13.92 -32.60
CA ASP E 47 -1.07 14.07 -31.55
C ASP E 47 -1.66 14.90 -30.42
N THR E 48 -1.40 14.46 -29.19
CA THR E 48 -1.82 15.21 -27.99
C THR E 48 -0.65 16.06 -27.50
N TRP E 49 -0.79 16.64 -26.31
CA TRP E 49 0.34 17.30 -25.68
C TRP E 49 1.24 16.25 -25.02
N GLU E 50 0.65 15.09 -24.69
CA GLU E 50 1.38 13.94 -24.13
C GLU E 50 2.48 13.48 -25.08
N ASP E 51 2.12 13.36 -26.35
CA ASP E 51 3.01 12.93 -27.42
C ASP E 51 4.19 13.87 -27.55
N ALA E 52 3.90 15.17 -27.53
CA ALA E 52 4.90 16.22 -27.50
C ALA E 52 5.86 16.11 -26.31
N LEU E 53 5.32 16.15 -25.09
CA LEU E 53 6.14 15.98 -23.88
C LEU E 53 7.05 14.77 -24.01
N TYR E 54 6.45 13.63 -24.36
CA TYR E 54 7.17 12.37 -24.57
C TYR E 54 8.40 12.50 -25.48
N ILE E 55 8.25 13.22 -26.58
CA ILE E 55 9.33 13.44 -27.54
C ILE E 55 10.43 14.27 -26.87
N ILE E 56 10.04 15.43 -26.32
CA ILE E 56 10.93 16.31 -25.55
C ILE E 56 11.67 15.55 -24.43
N ARG E 57 10.92 14.80 -23.62
CA ARG E 57 11.47 13.99 -22.55
CA ARG E 57 11.50 14.01 -22.54
C ARG E 57 12.59 13.07 -23.07
N LYS E 58 12.41 12.54 -24.28
CA LYS E 58 13.39 11.61 -24.85
C LYS E 58 14.59 12.32 -25.46
N CYS E 59 14.36 13.45 -26.13
CA CYS E 59 15.45 14.19 -26.76
C CYS E 59 16.42 14.72 -25.70
N LEU E 60 15.86 15.22 -24.61
CA LEU E 60 16.66 15.83 -23.55
C LEU E 60 17.37 14.79 -22.68
N ASN E 61 16.75 13.63 -22.51
CA ASN E 61 17.28 12.60 -21.60
C ASN E 61 17.99 11.41 -22.22
N LEU E 62 17.91 11.23 -23.53
CA LEU E 62 18.63 10.13 -24.16
C LEU E 62 20.11 10.35 -24.01
N ARG E 63 20.83 9.30 -23.60
CA ARG E 63 22.25 9.38 -23.28
C ARG E 63 23.10 8.84 -24.42
N LEU E 64 23.56 9.75 -25.27
CA LEU E 64 24.11 9.36 -26.57
C LEU E 64 25.60 9.59 -26.76
N TRP E 65 26.30 9.97 -25.67
CA TRP E 65 27.75 10.20 -25.77
C TRP E 65 28.59 9.31 -24.86
N ASN E 66 29.74 8.88 -25.39
CA ASN E 66 30.75 8.15 -24.62
C ASN E 66 31.50 9.07 -23.68
N ASN E 67 31.11 9.08 -22.43
CA ASN E 67 31.79 9.86 -21.39
C ASN E 67 33.13 9.20 -20.97
N ASP E 68 34.22 9.73 -21.53
CA ASP E 68 35.57 9.17 -21.38
C ASP E 68 35.62 7.68 -21.07
N ASN E 69 35.74 6.87 -22.12
CA ASN E 69 35.78 5.41 -22.02
C ASN E 69 34.42 4.72 -21.74
N LYS E 70 33.68 5.20 -20.75
CA LYS E 70 32.34 4.67 -20.44
C LYS E 70 31.33 4.98 -21.54
N THR E 71 30.99 3.95 -22.33
CA THR E 71 30.17 4.12 -23.53
C THR E 71 28.67 4.33 -23.26
N TRP E 72 28.07 5.27 -23.99
CA TRP E 72 26.64 5.60 -23.91
C TRP E 72 26.24 6.00 -22.49
N ASP E 73 26.62 7.22 -22.11
CA ASP E 73 26.74 7.60 -20.71
C ASP E 73 26.08 8.95 -20.34
N LYS E 74 26.23 9.95 -21.21
CA LYS E 74 25.74 11.31 -20.94
C LYS E 74 24.82 11.83 -22.05
N ASN E 75 23.80 12.59 -21.66
CA ASN E 75 22.88 13.22 -22.62
C ASN E 75 23.26 14.66 -23.02
N VAL E 76 22.30 15.42 -23.57
CA VAL E 76 22.54 16.81 -24.02
C VAL E 76 22.66 17.79 -22.87
N LYS E 77 21.79 17.64 -21.89
CA LYS E 77 21.84 18.48 -20.71
C LYS E 77 23.15 18.22 -19.95
N ASP E 78 23.45 16.95 -19.75
CA ASP E 78 24.68 16.52 -19.12
C ASP E 78 25.89 17.25 -19.71
N LEU E 79 26.08 17.10 -21.02
CA LEU E 79 27.21 17.73 -21.69
C LEU E 79 26.95 19.20 -22.03
N ASN E 80 25.79 19.71 -21.60
CA ASN E 80 25.37 21.10 -21.84
C ASN E 80 25.27 21.47 -23.34
N TYR E 81 25.18 20.47 -24.21
CA TYR E 81 25.14 20.67 -25.67
C TYR E 81 23.87 21.35 -26.18
N GLU E 82 23.82 21.61 -27.48
CA GLU E 82 22.65 22.26 -28.12
C GLU E 82 21.72 21.26 -28.82
N LEU E 83 20.47 21.68 -29.07
CA LEU E 83 19.58 20.92 -29.98
C LEU E 83 19.07 21.83 -31.08
N LEU E 84 19.11 21.34 -32.32
CA LEU E 84 18.41 21.99 -33.44
C LEU E 84 17.14 21.22 -33.79
N ILE E 85 15.99 21.87 -33.62
CA ILE E 85 14.71 21.22 -33.86
C ILE E 85 14.16 21.63 -35.20
N VAL E 86 13.80 20.63 -36.00
CA VAL E 86 13.30 20.86 -37.36
C VAL E 86 12.01 20.09 -37.54
N SER E 87 10.98 20.75 -38.05
CA SER E 87 9.72 20.08 -38.34
C SER E 87 9.84 19.28 -39.65
N GLN E 88 9.65 17.96 -39.56
CA GLN E 88 9.58 17.11 -40.75
C GLN E 88 8.24 16.38 -40.84
N PHE E 89 7.29 16.96 -41.57
CA PHE E 89 6.04 16.26 -41.93
C PHE E 89 6.29 15.01 -42.79
N THR E 90 7.39 15.02 -43.54
CA THR E 90 7.74 13.90 -44.44
C THR E 90 7.96 12.60 -43.69
N LEU E 91 8.28 12.70 -42.40
CA LEU E 91 8.41 11.52 -41.56
C LEU E 91 7.15 10.66 -41.55
N PHE E 92 6.00 11.30 -41.78
CA PHE E 92 4.73 10.59 -41.89
C PHE E 92 4.40 10.17 -43.30
N GLY E 93 5.36 10.38 -44.22
CA GLY E 93 5.23 9.94 -45.59
C GLY E 93 5.05 8.44 -45.65
N ASN E 94 3.81 8.02 -45.94
CA ASN E 94 3.47 6.61 -46.11
C ASN E 94 3.91 6.15 -47.49
N THR E 95 4.64 5.05 -47.54
CA THR E 95 5.10 4.53 -48.82
C THR E 95 4.82 3.04 -48.91
N LYS E 96 3.83 2.58 -48.15
CA LYS E 96 3.45 1.18 -48.15
C LYS E 96 2.77 0.84 -49.48
N LYS E 97 1.99 1.78 -49.99
CA LYS E 97 1.10 1.57 -51.14
C LYS E 97 1.73 1.88 -52.48
N GLY E 98 2.81 2.67 -52.48
CA GLY E 98 3.50 3.05 -53.70
C GLY E 98 4.71 3.94 -53.46
N ASN E 99 5.39 4.28 -54.55
CA ASN E 99 6.66 5.02 -54.49
C ASN E 99 6.49 6.54 -54.35
N LYS E 100 5.26 7.02 -54.45
CA LYS E 100 4.92 8.41 -54.19
C LYS E 100 4.31 8.50 -52.77
N PRO E 101 5.04 9.17 -51.84
CA PRO E 101 4.59 9.25 -50.44
C PRO E 101 3.39 10.17 -50.23
N ASP E 102 2.41 9.71 -49.46
CA ASP E 102 1.31 10.60 -49.07
C ASP E 102 1.35 10.91 -47.58
N PHE E 103 1.01 12.16 -47.27
CA PHE E 103 1.26 12.70 -45.96
C PHE E 103 -0.06 13.07 -45.30
N HIS E 104 -1.06 12.22 -45.49
CA HIS E 104 -2.38 12.48 -44.93
C HIS E 104 -2.39 12.31 -43.40
N LEU E 105 -1.59 11.35 -42.91
CA LEU E 105 -1.33 11.12 -41.48
C LEU E 105 -0.72 12.33 -40.76
N ALA E 106 0.03 13.15 -41.50
CA ALA E 106 0.65 14.35 -40.93
C ALA E 106 -0.40 15.40 -40.55
N LYS E 107 -0.16 16.11 -39.46
CA LYS E 107 -1.01 17.21 -39.03
C LYS E 107 -0.97 18.31 -40.07
N GLU E 108 -2.12 18.91 -40.33
CA GLU E 108 -2.22 19.98 -41.33
C GLU E 108 -1.33 21.18 -40.96
N PRO E 109 -0.64 21.76 -41.97
CA PRO E 109 0.39 22.82 -41.82
C PRO E 109 0.13 23.94 -40.80
N ASN E 110 -1.08 24.53 -40.79
CA ASN E 110 -1.36 25.64 -39.88
C ASN E 110 -1.42 25.27 -38.40
N GLU E 111 -2.03 24.14 -38.08
CA GLU E 111 -2.12 23.66 -36.70
C GLU E 111 -0.76 23.19 -36.19
N ALA E 112 -0.01 22.53 -37.06
CA ALA E 112 1.30 21.99 -36.74
C ALA E 112 2.29 23.06 -36.30
N LEU E 113 2.20 24.25 -36.92
CA LEU E 113 3.06 25.38 -36.59
C LEU E 113 2.96 25.78 -35.11
N ILE E 114 1.74 26.11 -34.67
CA ILE E 114 1.48 26.50 -33.28
C ILE E 114 1.82 25.37 -32.32
N PHE E 115 1.51 24.14 -32.74
CA PHE E 115 1.89 22.93 -32.03
C PHE E 115 3.40 22.86 -31.85
N TYR E 116 4.11 23.09 -32.95
CA TYR E 116 5.58 23.09 -32.99
C TYR E 116 6.17 24.17 -32.08
N ASN E 117 5.62 25.38 -32.15
CA ASN E 117 6.09 26.49 -31.31
C ASN E 117 5.86 26.25 -29.82
N LYS E 118 4.77 25.56 -29.50
CA LYS E 118 4.51 25.06 -28.14
C LYS E 118 5.61 24.11 -27.67
N ILE E 119 5.99 23.19 -28.57
CA ILE E 119 7.05 22.22 -28.33
C ILE E 119 8.41 22.90 -28.17
N ILE E 120 8.68 23.89 -29.01
CA ILE E 120 9.92 24.65 -28.89
C ILE E 120 9.98 25.35 -27.53
N ASP E 121 8.87 25.99 -27.13
CA ASP E 121 8.83 26.71 -25.86
C ASP E 121 9.04 25.78 -24.67
N GLU E 122 8.53 24.56 -24.79
CA GLU E 122 8.69 23.51 -23.79
C GLU E 122 10.12 22.95 -23.70
N PHE E 123 10.80 22.86 -24.84
CA PHE E 123 12.25 22.52 -24.86
C PHE E 123 13.02 23.60 -24.09
N LYS E 124 12.82 24.84 -24.49
CA LYS E 124 13.36 25.99 -23.80
C LYS E 124 13.04 25.93 -22.30
N LYS E 125 11.75 25.83 -21.99
CA LYS E 125 11.25 25.75 -20.61
C LYS E 125 11.89 24.62 -19.77
N GLN E 126 12.01 23.42 -20.35
CA GLN E 126 12.57 22.29 -19.61
C GLN E 126 14.08 22.31 -19.50
N TYR E 127 14.71 23.05 -20.40
CA TYR E 127 16.16 23.07 -20.48
C TYR E 127 16.65 24.51 -20.42
N ASN E 128 16.79 25.14 -21.58
CA ASN E 128 17.66 26.29 -21.71
C ASN E 128 17.47 26.91 -23.08
N ASP E 129 16.84 28.08 -23.13
CA ASP E 129 16.47 28.70 -24.41
C ASP E 129 17.70 29.20 -25.15
N ASP E 130 18.79 29.25 -24.40
CA ASP E 130 20.13 29.45 -24.94
C ASP E 130 20.47 28.31 -25.89
N LYS E 131 20.00 27.10 -25.57
CA LYS E 131 20.51 25.87 -26.17
C LYS E 131 19.61 25.24 -27.26
N ILE E 132 18.51 25.90 -27.60
CA ILE E 132 17.51 25.37 -28.53
C ILE E 132 17.36 26.27 -29.78
N LYS E 133 17.99 25.86 -30.89
CA LYS E 133 17.77 26.57 -32.16
C LYS E 133 16.65 25.89 -32.93
N ILE E 134 16.09 26.59 -33.91
CA ILE E 134 15.03 26.06 -34.76
C ILE E 134 15.30 26.40 -36.22
N GLY E 135 14.42 25.97 -37.11
CA GLY E 135 14.48 26.38 -38.51
C GLY E 135 13.40 27.38 -38.88
N LYS E 136 13.18 27.55 -40.19
CA LYS E 136 12.02 28.28 -40.73
C LYS E 136 10.93 27.25 -40.99
N PHE E 137 9.86 27.28 -40.19
CA PHE E 137 8.87 26.21 -40.17
C PHE E 137 8.38 25.72 -41.53
N GLY E 138 7.79 26.61 -42.33
CA GLY E 138 7.17 26.16 -43.56
C GLY E 138 8.10 26.10 -44.76
N ASN E 139 9.26 26.71 -44.64
CA ASN E 139 10.10 26.99 -45.79
C ASN E 139 11.08 25.91 -46.18
N TYR E 140 11.51 25.96 -47.44
CA TYR E 140 12.62 25.14 -47.89
C TYR E 140 13.84 25.48 -47.03
N MET E 141 14.53 24.44 -46.55
CA MET E 141 15.76 24.61 -45.77
C MET E 141 16.92 23.80 -46.33
N ASN E 142 18.09 24.42 -46.39
CA ASN E 142 19.33 23.73 -46.63
C ASN E 142 19.97 23.52 -45.26
N ILE E 143 20.43 22.31 -44.96
CA ILE E 143 21.06 22.05 -43.65
C ILE E 143 22.33 21.22 -43.75
N ASP E 144 23.45 21.87 -43.46
CA ASP E 144 24.73 21.17 -43.33
C ASP E 144 24.91 20.60 -41.95
N VAL E 145 25.00 19.28 -41.86
CA VAL E 145 25.20 18.59 -40.60
C VAL E 145 26.50 17.82 -40.60
N THR E 146 27.27 17.96 -39.54
CA THR E 146 28.43 17.13 -39.30
C THR E 146 27.95 16.00 -38.43
N ASN E 147 27.81 14.82 -39.03
CA ASN E 147 27.30 13.65 -38.31
C ASN E 147 28.38 12.97 -37.50
N ASP E 148 28.15 12.94 -36.19
CA ASP E 148 29.12 12.45 -35.23
C ASP E 148 28.84 10.97 -34.87
N GLY E 149 29.47 10.06 -35.61
CA GLY E 149 29.30 8.62 -35.40
C GLY E 149 29.17 7.79 -36.67
N PRO E 150 28.06 7.97 -37.43
CA PRO E 150 26.89 8.76 -37.05
C PRO E 150 26.09 8.00 -36.03
N VAL E 151 25.17 8.69 -35.36
CA VAL E 151 24.27 8.04 -34.41
C VAL E 151 22.87 8.53 -34.75
N THR E 152 21.99 7.60 -35.13
CA THR E 152 20.63 7.93 -35.52
C THR E 152 19.63 7.17 -34.65
N ILE E 153 18.73 7.89 -34.00
CA ILE E 153 17.67 7.29 -33.20
C ILE E 153 16.33 7.61 -33.84
N TYR E 154 15.49 6.59 -34.02
CA TYR E 154 14.10 6.80 -34.40
C TYR E 154 13.19 6.52 -33.21
N ILE E 155 12.24 7.43 -32.98
CA ILE E 155 11.22 7.23 -31.96
C ILE E 155 9.84 7.57 -32.54
N ASP E 156 8.89 6.66 -32.35
CA ASP E 156 7.50 6.87 -32.74
C ASP E 156 6.63 6.68 -31.49
N THR E 157 5.90 7.72 -31.09
CA THR E 157 5.09 7.63 -29.85
C THR E 157 3.84 6.74 -29.94
N HIS E 158 3.72 6.00 -31.03
CA HIS E 158 2.58 5.11 -31.22
C HIS E 158 3.04 3.66 -31.49
N ASP E 159 4.05 3.22 -30.74
CA ASP E 159 4.56 1.85 -30.86
C ASP E 159 4.13 0.94 -29.71
N MET F 1 13.75 -4.78 -41.16
CA MET F 1 14.86 -3.78 -41.16
C MET F 1 14.28 -2.38 -41.04
N ARG F 2 15.15 -1.46 -40.70
CA ARG F 2 14.79 -0.06 -40.64
C ARG F 2 15.73 0.76 -41.51
N VAL F 3 15.17 1.77 -42.15
CA VAL F 3 15.98 2.75 -42.85
C VAL F 3 15.43 4.17 -42.61
N VAL F 4 16.36 5.11 -42.49
CA VAL F 4 16.09 6.53 -42.53
C VAL F 4 16.77 7.02 -43.80
N ILE F 5 15.96 7.54 -44.70
CA ILE F 5 16.42 8.03 -45.97
C ILE F 5 16.36 9.53 -45.86
N GLN F 6 17.46 10.18 -46.23
CA GLN F 6 17.49 11.64 -46.30
C GLN F 6 17.97 12.13 -47.66
N ARG F 7 17.27 13.15 -48.18
CA ARG F 7 17.58 13.79 -49.45
C ARG F 7 18.70 14.82 -49.28
N VAL F 8 19.76 14.66 -50.07
CA VAL F 8 20.98 15.45 -49.95
C VAL F 8 21.40 16.14 -51.24
N LYS F 9 22.07 17.28 -51.09
CA LYS F 9 22.81 17.91 -52.18
C LYS F 9 24.25 17.40 -52.17
N GLY F 10 24.64 16.80 -51.05
CA GLY F 10 25.97 16.23 -50.92
C GLY F 10 26.21 15.62 -49.56
N ALA F 11 27.13 14.65 -49.53
CA ALA F 11 27.62 14.06 -48.28
C ALA F 11 29.05 13.53 -48.42
N ILE F 12 29.94 14.05 -47.57
CA ILE F 12 31.33 13.61 -47.52
C ILE F 12 31.57 12.74 -46.27
N LEU F 13 31.99 11.51 -46.50
CA LEU F 13 32.28 10.56 -45.41
C LEU F 13 33.75 10.57 -44.98
N SER F 14 33.97 10.80 -43.69
CA SER F 14 35.32 10.83 -43.11
C SER F 14 35.40 9.95 -41.87
N VAL F 15 36.44 9.13 -41.81
CA VAL F 15 36.71 8.29 -40.63
C VAL F 15 37.97 8.76 -39.89
N ARG F 16 38.11 8.36 -38.63
CA ARG F 16 39.24 8.79 -37.81
C ARG F 16 40.58 8.26 -38.33
N LEU F 27 40.86 13.74 -39.85
CA LEU F 27 39.87 12.84 -40.45
C LEU F 27 40.20 12.61 -41.91
N GLU F 28 39.90 11.41 -42.41
CA GLU F 28 40.18 11.07 -43.80
C GLU F 28 38.91 10.81 -44.61
N ILE F 29 38.76 11.53 -45.72
CA ILE F 29 37.63 11.40 -46.65
C ILE F 29 37.67 10.07 -47.44
N ILE F 30 36.71 9.19 -47.17
CA ILE F 30 36.66 7.88 -47.85
C ILE F 30 35.51 7.71 -48.85
N SER F 31 34.47 8.54 -48.75
CA SER F 31 33.29 8.47 -49.64
C SER F 31 32.68 9.84 -49.92
N GLU F 32 32.27 10.04 -51.18
CA GLU F 32 31.60 11.28 -51.59
C GLU F 32 30.45 11.06 -52.57
N ILE F 33 29.29 11.63 -52.26
CA ILE F 33 28.16 11.71 -53.21
C ILE F 33 27.63 13.14 -53.31
N LYS F 34 27.10 13.48 -54.49
CA LYS F 34 26.50 14.78 -54.74
C LYS F 34 25.00 14.73 -54.40
N ASN F 35 24.15 15.15 -55.34
CA ASN F 35 22.71 15.08 -55.18
C ASN F 35 22.29 13.62 -55.16
N GLY F 36 21.38 13.30 -54.23
CA GLY F 36 20.91 11.95 -54.05
C GLY F 36 20.45 11.67 -52.64
N LEU F 37 20.87 10.52 -52.12
CA LEU F 37 20.32 9.99 -50.88
C LEU F 37 21.36 9.45 -49.91
N ILE F 38 21.22 9.84 -48.66
CA ILE F 38 21.90 9.15 -47.56
C ILE F 38 20.92 8.21 -46.88
N CYS F 39 21.31 6.94 -46.77
CA CYS F 39 20.44 5.91 -46.23
C CYS F 39 21.05 5.27 -44.99
N PHE F 40 20.47 5.57 -43.83
CA PHE F 40 20.88 4.98 -42.56
C PHE F 40 20.19 3.64 -42.30
N LEU F 41 20.98 2.57 -42.42
CA LEU F 41 20.43 1.22 -42.48
C LEU F 41 20.62 0.35 -41.23
N GLY F 42 19.51 0.08 -40.55
CA GLY F 42 19.47 -0.83 -39.40
C GLY F 42 19.01 -2.23 -39.77
N ILE F 43 19.84 -3.22 -39.44
CA ILE F 43 19.54 -4.63 -39.74
C ILE F 43 19.06 -5.39 -38.50
N HIS F 44 17.89 -6.02 -38.64
CA HIS F 44 17.20 -6.69 -37.55
C HIS F 44 17.64 -8.15 -37.42
N LYS F 45 17.43 -8.70 -36.23
CA LYS F 45 17.63 -10.11 -35.94
C LYS F 45 16.85 -10.95 -36.97
N ASN F 46 15.53 -10.85 -36.95
CA ASN F 46 14.63 -11.63 -37.80
C ASN F 46 14.66 -11.30 -39.29
N ASP F 47 15.65 -10.51 -39.71
CA ASP F 47 15.70 -10.01 -41.08
C ASP F 47 16.05 -11.06 -42.12
N THR F 48 15.10 -11.30 -43.02
CA THR F 48 15.28 -12.21 -44.17
C THR F 48 15.83 -11.40 -45.34
N TRP F 49 16.04 -12.05 -46.48
CA TRP F 49 16.45 -11.36 -47.69
C TRP F 49 15.29 -10.58 -48.33
N GLU F 50 14.07 -10.88 -47.87
CA GLU F 50 12.87 -10.18 -48.36
C GLU F 50 12.73 -8.78 -47.79
N ASP F 51 13.28 -8.57 -46.60
CA ASP F 51 13.28 -7.26 -45.96
C ASP F 51 14.34 -6.36 -46.59
N ALA F 52 15.44 -6.97 -47.03
CA ALA F 52 16.52 -6.25 -47.71
C ALA F 52 16.09 -5.72 -49.07
N LEU F 53 15.43 -6.58 -49.85
CA LEU F 53 14.95 -6.25 -51.20
C LEU F 53 13.95 -5.15 -51.12
N TYR F 54 13.13 -5.20 -50.06
CA TYR F 54 12.14 -4.18 -49.81
C TYR F 54 12.79 -2.82 -49.60
N ILE F 55 13.86 -2.80 -48.80
CA ILE F 55 14.62 -1.58 -48.56
C ILE F 55 15.23 -1.08 -49.87
N ILE F 56 16.03 -1.93 -50.52
CA ILE F 56 16.72 -1.57 -51.76
C ILE F 56 15.72 -0.97 -52.74
N ARG F 57 14.60 -1.65 -52.93
CA ARG F 57 13.60 -1.25 -53.90
C ARG F 57 13.07 0.15 -53.59
N LYS F 58 12.66 0.36 -52.34
CA LYS F 58 12.06 1.61 -51.91
C LYS F 58 13.05 2.78 -51.97
N CYS F 59 14.30 2.54 -51.59
CA CYS F 59 15.33 3.58 -51.70
C CYS F 59 15.49 4.00 -53.14
N LEU F 60 15.58 3.01 -54.04
CA LEU F 60 15.75 3.27 -55.48
C LEU F 60 14.55 3.94 -56.16
N ASN F 61 13.34 3.68 -55.66
CA ASN F 61 12.15 4.04 -56.40
C ASN F 61 11.25 5.09 -55.78
N LEU F 62 11.56 5.48 -54.54
CA LEU F 62 10.82 6.56 -53.89
C LEU F 62 10.97 7.86 -54.66
N ARG F 63 9.83 8.42 -55.07
CA ARG F 63 9.78 9.63 -55.86
C ARG F 63 9.90 10.86 -54.95
N LEU F 64 11.14 11.29 -54.71
CA LEU F 64 11.44 12.27 -53.64
C LEU F 64 11.79 13.67 -54.12
N TRP F 65 11.89 13.82 -55.44
CA TRP F 65 12.20 15.09 -56.07
C TRP F 65 11.03 15.58 -56.91
N ASN F 66 10.89 16.90 -56.97
CA ASN F 66 9.87 17.54 -57.79
C ASN F 66 10.32 17.69 -59.23
N ASN F 67 9.53 17.20 -60.18
CA ASN F 67 9.85 17.42 -61.59
C ASN F 67 9.01 18.52 -62.22
N ASP F 68 9.70 19.47 -62.84
CA ASP F 68 9.10 20.66 -63.43
C ASP F 68 7.95 21.14 -62.56
N ASN F 69 6.73 20.79 -62.97
CA ASN F 69 5.50 21.20 -62.30
C ASN F 69 5.11 20.28 -61.14
N LYS F 70 5.40 18.99 -61.29
CA LYS F 70 4.94 17.97 -60.35
C LYS F 70 5.82 17.86 -59.11
N THR F 71 5.18 17.60 -57.97
CA THR F 71 5.86 17.33 -56.69
C THR F 71 5.88 15.84 -56.40
N TRP F 72 6.94 15.38 -55.75
CA TRP F 72 7.12 13.97 -55.39
C TRP F 72 6.97 13.09 -56.64
N ASP F 73 7.81 13.35 -57.62
CA ASP F 73 7.59 12.82 -58.95
C ASP F 73 8.72 11.94 -59.49
N LYS F 74 9.96 12.26 -59.12
CA LYS F 74 11.13 11.56 -59.63
C LYS F 74 11.88 10.83 -58.52
N ASN F 75 12.40 9.66 -58.86
CA ASN F 75 13.27 8.94 -57.95
C ASN F 75 14.76 9.11 -58.27
N VAL F 76 15.58 8.56 -57.39
CA VAL F 76 17.04 8.71 -57.45
C VAL F 76 17.60 8.29 -58.80
N LYS F 77 17.11 7.17 -59.34
CA LYS F 77 17.53 6.65 -60.64
C LYS F 77 17.07 7.58 -61.77
N ASP F 78 15.80 7.98 -61.72
CA ASP F 78 15.21 8.91 -62.69
C ASP F 78 16.12 10.10 -62.97
N LEU F 79 16.68 10.68 -61.91
CA LEU F 79 17.52 11.88 -62.01
C LEU F 79 19.02 11.55 -62.16
N ASN F 80 19.33 10.26 -62.23
CA ASN F 80 20.70 9.76 -62.25
C ASN F 80 21.55 10.22 -61.07
N TYR F 81 20.94 10.19 -59.88
CA TYR F 81 21.63 10.59 -58.65
C TYR F 81 22.29 9.40 -57.98
N GLU F 82 23.02 9.66 -56.89
CA GLU F 82 23.76 8.62 -56.17
C GLU F 82 23.23 8.37 -54.76
N LEU F 83 23.51 7.19 -54.23
CA LEU F 83 23.09 6.79 -52.89
C LEU F 83 24.28 6.51 -51.98
N LEU F 84 24.21 7.03 -50.76
CA LEU F 84 25.20 6.71 -49.75
C LEU F 84 24.55 5.88 -48.66
N ILE F 85 25.04 4.65 -48.54
CA ILE F 85 24.49 3.67 -47.61
C ILE F 85 25.41 3.50 -46.41
N VAL F 86 24.87 3.76 -45.22
CA VAL F 86 25.62 3.71 -43.96
C VAL F 86 24.88 2.78 -43.00
N SER F 87 25.61 1.85 -42.38
CA SER F 87 25.00 0.93 -41.42
C SER F 87 24.73 1.61 -40.09
N GLN F 88 23.52 1.44 -39.58
CA GLN F 88 23.10 2.17 -38.39
C GLN F 88 22.31 1.28 -37.45
N PHE F 89 23.02 0.54 -36.62
CA PHE F 89 22.42 -0.42 -35.68
C PHE F 89 21.72 0.27 -34.51
N THR F 90 21.88 1.59 -34.45
CA THR F 90 21.33 2.39 -33.36
C THR F 90 19.82 2.62 -33.52
N LEU F 91 19.26 2.20 -34.65
CA LEU F 91 17.84 2.43 -34.95
C LEU F 91 16.87 1.55 -34.15
N PHE F 92 17.40 0.52 -33.47
CA PHE F 92 16.60 -0.43 -32.68
C PHE F 92 16.73 -0.20 -31.18
N PRO F 101 20.21 3.22 -24.70
CA PRO F 101 20.58 2.80 -26.04
C PRO F 101 20.80 1.29 -26.13
N ASP F 102 19.81 0.59 -26.67
CA ASP F 102 19.78 -0.87 -26.67
C ASP F 102 19.72 -1.45 -28.08
N PHE F 103 20.56 -2.45 -28.35
CA PHE F 103 20.60 -3.13 -29.67
C PHE F 103 20.55 -4.66 -29.55
N HIS F 104 19.57 -5.16 -28.79
CA HIS F 104 19.33 -6.61 -28.69
C HIS F 104 18.66 -7.17 -29.95
N LEU F 105 17.90 -6.33 -30.63
CA LEU F 105 17.18 -6.73 -31.84
C LEU F 105 18.05 -6.66 -33.09
N ALA F 106 19.24 -6.08 -32.97
CA ALA F 106 20.17 -5.96 -34.09
C ALA F 106 21.03 -7.22 -34.24
N LYS F 107 21.12 -7.70 -35.47
CA LYS F 107 21.92 -8.88 -35.83
C LYS F 107 23.41 -8.62 -35.51
N GLU F 108 24.08 -9.61 -34.91
CA GLU F 108 25.51 -9.48 -34.58
C GLU F 108 26.31 -8.96 -35.77
N PRO F 109 27.22 -7.98 -35.55
CA PRO F 109 27.89 -7.24 -36.64
C PRO F 109 28.65 -8.12 -37.64
N ASN F 110 28.73 -9.41 -37.38
CA ASN F 110 29.40 -10.36 -38.27
C ASN F 110 28.44 -10.95 -39.32
N GLU F 111 27.30 -11.45 -38.86
CA GLU F 111 26.23 -11.93 -39.75
C GLU F 111 25.59 -10.74 -40.46
N ALA F 112 25.57 -9.61 -39.78
CA ALA F 112 25.10 -8.35 -40.35
C ALA F 112 26.10 -7.78 -41.36
N LEU F 113 27.40 -7.95 -41.11
CA LEU F 113 28.41 -7.47 -42.04
C LEU F 113 28.28 -8.13 -43.41
N ILE F 114 28.09 -9.44 -43.44
CA ILE F 114 27.91 -10.17 -44.70
C ILE F 114 26.57 -9.80 -45.38
N PHE F 115 25.52 -9.70 -44.56
CA PHE F 115 24.19 -9.30 -45.02
C PHE F 115 24.18 -7.89 -45.62
N TYR F 116 24.98 -7.00 -45.03
CA TYR F 116 25.14 -5.63 -45.53
C TYR F 116 25.82 -5.59 -46.89
N ASN F 117 26.78 -6.49 -47.10
CA ASN F 117 27.52 -6.56 -48.36
C ASN F 117 26.67 -7.04 -49.53
N LYS F 118 25.79 -8.01 -49.24
CA LYS F 118 24.83 -8.54 -50.22
C LYS F 118 23.84 -7.47 -50.66
N ILE F 119 23.51 -6.59 -49.73
CA ILE F 119 22.66 -5.41 -49.97
C ILE F 119 23.36 -4.40 -50.86
N ILE F 120 24.63 -4.11 -50.56
CA ILE F 120 25.43 -3.17 -51.34
C ILE F 120 25.58 -3.62 -52.78
N ASP F 121 25.83 -4.90 -52.99
CA ASP F 121 26.05 -5.43 -54.33
C ASP F 121 24.75 -5.50 -55.12
N GLU F 122 23.65 -5.82 -54.43
CA GLU F 122 22.32 -5.79 -55.01
C GLU F 122 21.85 -4.37 -55.36
N PHE F 123 22.24 -3.39 -54.55
CA PHE F 123 22.03 -1.98 -54.86
C PHE F 123 22.70 -1.64 -56.20
N LYS F 124 23.98 -1.99 -56.31
CA LYS F 124 24.74 -1.78 -57.54
C LYS F 124 24.09 -2.50 -58.70
N LYS F 125 23.75 -3.77 -58.47
CA LYS F 125 23.10 -4.63 -59.45
C LYS F 125 21.81 -4.02 -60.02
N GLN F 126 20.93 -3.57 -59.13
CA GLN F 126 19.63 -3.02 -59.50
C GLN F 126 19.72 -1.61 -60.08
N TYR F 127 20.80 -0.90 -59.79
CA TYR F 127 20.96 0.47 -60.26
C TYR F 127 22.20 0.64 -61.12
N ASN F 128 23.32 0.96 -60.48
CA ASN F 128 24.59 1.24 -61.14
C ASN F 128 25.70 1.15 -60.12
N ASP F 129 26.78 0.45 -60.50
CA ASP F 129 27.95 0.26 -59.66
C ASP F 129 28.62 1.56 -59.21
N ASP F 130 28.58 2.58 -60.07
CA ASP F 130 29.28 3.85 -59.82
C ASP F 130 28.44 4.91 -59.11
N LYS F 131 27.23 4.52 -58.69
CA LYS F 131 26.28 5.42 -58.07
C LYS F 131 25.92 4.99 -56.65
N ILE F 132 26.44 3.84 -56.23
CA ILE F 132 26.26 3.35 -54.88
C ILE F 132 27.57 3.53 -54.10
N LYS F 133 27.54 4.46 -53.13
CA LYS F 133 28.68 4.66 -52.21
C LYS F 133 28.32 4.16 -50.81
N ILE F 134 29.35 3.78 -50.05
CA ILE F 134 29.16 3.19 -48.72
C ILE F 134 30.01 3.84 -47.63
N GLY F 135 29.72 3.50 -46.37
CA GLY F 135 30.52 3.92 -45.23
C GLY F 135 31.57 2.88 -44.87
N LYS F 136 31.70 2.61 -43.57
CA LYS F 136 32.62 1.60 -43.08
C LYS F 136 32.02 0.89 -41.87
N PHE F 137 31.39 -0.26 -42.11
CA PHE F 137 30.65 -1.04 -41.10
C PHE F 137 31.32 -1.09 -39.72
N GLY F 138 30.57 -0.70 -38.69
CA GLY F 138 31.02 -0.82 -37.30
C GLY F 138 32.16 0.07 -36.85
N ASN F 139 32.59 1.00 -37.70
CA ASN F 139 33.65 1.96 -37.38
C ASN F 139 33.07 3.34 -37.08
N TYR F 140 33.80 4.17 -36.33
CA TYR F 140 33.37 5.56 -36.11
C TYR F 140 33.56 6.39 -37.37
N MET F 141 32.51 7.13 -37.73
CA MET F 141 32.48 7.96 -38.94
C MET F 141 32.12 9.41 -38.66
N ASN F 142 32.55 10.29 -39.56
CA ASN F 142 32.14 11.68 -39.59
C ASN F 142 31.59 11.96 -40.97
N ILE F 143 30.29 12.26 -41.04
CA ILE F 143 29.63 12.48 -42.34
C ILE F 143 29.00 13.86 -42.43
N ASP F 144 29.56 14.69 -43.31
CA ASP F 144 29.03 16.01 -43.55
C ASP F 144 28.00 15.91 -44.65
N VAL F 145 26.76 16.22 -44.29
CA VAL F 145 25.59 15.95 -45.11
C VAL F 145 24.86 17.26 -45.40
N THR F 146 24.71 17.58 -46.68
CA THR F 146 23.98 18.77 -47.10
C THR F 146 22.52 18.40 -47.34
N ASN F 147 21.74 18.45 -46.26
CA ASN F 147 20.31 18.15 -46.30
C ASN F 147 19.54 19.12 -47.17
N ASP F 148 18.71 18.55 -48.03
CA ASP F 148 18.03 19.28 -49.08
C ASP F 148 16.52 19.23 -48.81
N GLY F 149 16.01 20.27 -48.17
CA GLY F 149 14.61 20.32 -47.79
C GLY F 149 14.38 20.72 -46.35
N PRO F 150 14.77 19.86 -45.39
CA PRO F 150 15.24 18.49 -45.59
C PRO F 150 14.08 17.54 -45.93
N VAL F 151 14.42 16.32 -46.35
CA VAL F 151 13.42 15.28 -46.57
C VAL F 151 13.91 14.01 -45.89
N THR F 152 13.09 13.54 -44.95
CA THR F 152 13.42 12.40 -44.11
C THR F 152 12.27 11.44 -44.14
N ILE F 153 12.58 10.21 -44.54
CA ILE F 153 11.62 9.15 -44.77
C ILE F 153 12.06 8.00 -43.93
N TYR F 154 11.11 7.40 -43.22
CA TYR F 154 11.37 6.25 -42.39
C TYR F 154 10.61 5.06 -42.95
N ILE F 155 11.27 3.92 -43.03
CA ILE F 155 10.61 2.66 -43.35
C ILE F 155 11.01 1.59 -42.35
N ASP F 156 10.00 0.97 -41.73
CA ASP F 156 10.23 -0.25 -40.97
C ASP F 156 9.57 -1.39 -41.73
N THR F 157 10.38 -2.29 -42.27
CA THR F 157 9.88 -3.41 -43.08
C THR F 157 9.09 -4.42 -42.25
N HIS F 158 9.13 -4.28 -40.93
CA HIS F 158 8.33 -5.15 -40.08
C HIS F 158 6.93 -4.59 -39.88
N ASP F 159 6.69 -3.36 -40.38
CA ASP F 159 5.35 -2.76 -40.46
C ASP F 159 4.62 -3.10 -41.77
N ILE F 160 5.39 -3.25 -42.86
CA ILE F 160 4.86 -3.66 -44.16
C ILE F 160 4.38 -5.11 -44.12
#